data_7E5A
#
_entry.id   7E5A
#
_cell.length_a   114.260
_cell.length_b   114.260
_cell.length_c   168.490
_cell.angle_alpha   90.000
_cell.angle_beta   90.000
_cell.angle_gamma   120.000
#
_symmetry.space_group_name_H-M   'P 32 2 1'
#
loop_
_entity.id
_entity.type
_entity.pdbx_description
1 polymer 'Guanylate-binding protein 5'
2 non-polymer "GUANOSINE-5'-DIPHOSPHATE"
3 non-polymer 'ALUMINUM FLUORIDE'
4 non-polymer 'MAGNESIUM ION'
5 water water
#
_entity_poly.entity_id   1
_entity_poly.type   'polypeptide(L)'
_entity_poly.pdbx_seq_one_letter_code
;SMALEIHMSDPMCLIENFNEQLKVNQEALEILSAITQPVVVVAIVGLYRTGKSYLMNKLAGKNKGFSVASTVQSHTKGIW
IWCVPHPNWPNHTLVLLDTEGLGDVEKADNKNDIQIFALALLLSSTFVYNTVNKIDQGAIDLLHNVTELTDLLKARNSPD
LDRVEDPADSASFFPDLVWTLRDFCLGLEIDGQLVTPDEYLENSLRPKQGSDQRVQNFNLPRLCIQKFFPKKKCFIFDLP
AHQKKLAQLETLPDDELEPEFVQQVTEFCSYIFSHSMTKTLPGGIMVNGSRLKNLVLTYVNAISSGDLPCIENAVLALAQ
RENSAAVQKAIAHYDQQMGQKVQLPMETLQELLDLHATSEREAIEVFMKNSFKDVDQSFQKELETLLDAKQNDICKRNLE
ASSDYCSALLKDIFGPLEEAVKQGIYSKPGGHNLFIQKTEELKAKYYREPRKGIQAEEVLQKYLKSKESVSHAILQTDQA
LTETEKK
;
_entity_poly.pdbx_strand_id   A,B
#
# COMPACT_ATOMS: atom_id res chain seq x y z
N ILE A 6 -15.32 -40.90 -20.04
CA ILE A 6 -16.18 -39.72 -20.13
C ILE A 6 -15.88 -38.76 -18.97
N HIS A 7 -16.04 -39.24 -17.74
CA HIS A 7 -15.72 -38.46 -16.56
C HIS A 7 -14.40 -38.95 -15.95
N MET A 8 -13.99 -38.30 -14.86
CA MET A 8 -12.71 -38.59 -14.21
C MET A 8 -12.95 -39.57 -13.06
N SER A 9 -12.24 -40.69 -13.08
CA SER A 9 -12.27 -41.60 -11.95
C SER A 9 -11.58 -41.01 -10.74
N ASP A 10 -10.55 -40.19 -10.97
CA ASP A 10 -9.74 -39.59 -9.92
C ASP A 10 -9.51 -38.12 -10.23
N PRO A 11 -9.33 -37.28 -9.21
CA PRO A 11 -9.07 -35.86 -9.46
C PRO A 11 -7.65 -35.63 -9.96
N MET A 12 -7.48 -34.51 -10.65
CA MET A 12 -6.19 -34.10 -11.18
C MET A 12 -5.90 -32.67 -10.77
N CYS A 13 -4.61 -32.31 -10.81
CA CYS A 13 -4.22 -30.93 -10.59
C CYS A 13 -4.54 -30.12 -11.84
N LEU A 14 -5.33 -29.05 -11.67
CA LEU A 14 -5.68 -28.20 -12.79
C LEU A 14 -4.69 -27.05 -12.94
N ILE A 15 -4.36 -26.39 -11.84
CA ILE A 15 -3.43 -25.26 -11.85
C ILE A 15 -2.33 -25.57 -10.83
N GLU A 16 -1.08 -25.55 -11.28
CA GLU A 16 0.06 -25.82 -10.43
C GLU A 16 0.68 -24.53 -9.92
N ASN A 17 1.47 -24.65 -8.86
CA ASN A 17 2.33 -23.57 -8.40
C ASN A 17 3.76 -23.92 -8.80
N PHE A 18 4.10 -23.61 -10.04
CA PHE A 18 5.43 -23.86 -10.56
C PHE A 18 6.36 -22.76 -10.09
N ASN A 19 7.41 -23.12 -9.35
CA ASN A 19 8.21 -22.16 -8.61
C ASN A 19 7.29 -21.32 -7.74
N GLU A 20 6.99 -20.09 -8.17
CA GLU A 20 5.99 -19.29 -7.50
C GLU A 20 5.11 -18.56 -8.51
N GLN A 21 4.96 -19.11 -9.71
CA GLN A 21 4.03 -18.64 -10.71
C GLN A 21 2.90 -19.66 -10.86
N LEU A 22 1.74 -19.19 -11.29
CA LEU A 22 0.60 -20.06 -11.54
C LEU A 22 0.65 -20.58 -12.97
N LYS A 23 0.66 -21.91 -13.11
CA LYS A 23 0.78 -22.57 -14.40
C LYS A 23 -0.32 -23.62 -14.51
N VAL A 24 -0.93 -23.72 -15.68
CA VAL A 24 -2.05 -24.64 -15.89
C VAL A 24 -1.52 -25.96 -16.42
N ASN A 25 -2.14 -27.05 -15.98
CA ASN A 25 -1.77 -28.40 -16.39
C ASN A 25 -2.54 -28.74 -17.67
N GLN A 26 -1.80 -28.89 -18.77
CA GLN A 26 -2.45 -29.06 -20.07
C GLN A 26 -3.28 -30.34 -20.14
N GLU A 27 -2.82 -31.40 -19.48
CA GLU A 27 -3.57 -32.66 -19.49
C GLU A 27 -4.96 -32.47 -18.87
N ALA A 28 -5.03 -31.77 -17.73
CA ALA A 28 -6.32 -31.52 -17.10
C ALA A 28 -7.19 -30.60 -17.94
N LEU A 29 -6.58 -29.62 -18.61
CA LEU A 29 -7.33 -28.72 -19.47
C LEU A 29 -8.01 -29.48 -20.61
N GLU A 30 -7.26 -30.40 -21.24
CA GLU A 30 -7.82 -31.15 -22.37
C GLU A 30 -8.97 -32.05 -21.93
N ILE A 31 -8.79 -32.75 -20.80
CA ILE A 31 -9.89 -33.56 -20.26
C ILE A 31 -11.10 -32.67 -19.97
N LEU A 32 -10.86 -31.50 -19.37
CA LEU A 32 -11.95 -30.59 -19.06
C LEU A 32 -12.65 -30.12 -20.33
N SER A 33 -11.88 -29.66 -21.31
CA SER A 33 -12.48 -29.18 -22.55
C SER A 33 -13.22 -30.26 -23.31
N ALA A 34 -12.93 -31.54 -23.02
CA ALA A 34 -13.67 -32.64 -23.62
C ALA A 34 -15.03 -32.88 -22.97
N ILE A 35 -15.30 -32.26 -21.82
CA ILE A 35 -16.60 -32.40 -21.18
C ILE A 35 -17.60 -31.56 -21.98
N THR A 36 -18.54 -32.23 -22.66
CA THR A 36 -19.50 -31.53 -23.51
C THR A 36 -20.77 -31.11 -22.79
N GLN A 37 -21.07 -31.72 -21.65
CA GLN A 37 -22.27 -31.39 -20.89
C GLN A 37 -22.10 -30.06 -20.15
N PRO A 38 -23.22 -29.41 -19.81
CA PRO A 38 -23.14 -28.25 -18.91
C PRO A 38 -22.58 -28.66 -17.55
N VAL A 39 -21.85 -27.73 -16.94
CA VAL A 39 -21.10 -28.02 -15.71
C VAL A 39 -21.69 -27.22 -14.55
N VAL A 40 -21.88 -27.90 -13.43
CA VAL A 40 -22.13 -27.27 -12.15
C VAL A 40 -20.82 -27.29 -11.38
N VAL A 41 -20.23 -26.13 -11.14
CA VAL A 41 -18.88 -26.03 -10.60
C VAL A 41 -18.96 -25.59 -9.14
N VAL A 42 -18.40 -26.41 -8.26
CA VAL A 42 -18.36 -26.15 -6.82
C VAL A 42 -16.91 -26.07 -6.40
N ALA A 43 -16.54 -24.95 -5.77
CA ALA A 43 -15.20 -24.72 -5.28
C ALA A 43 -15.23 -24.46 -3.78
N ILE A 44 -14.17 -24.88 -3.09
CA ILE A 44 -14.03 -24.66 -1.66
C ILE A 44 -12.78 -23.82 -1.41
N VAL A 45 -12.85 -22.92 -0.44
CA VAL A 45 -11.75 -22.02 -0.10
C VAL A 45 -11.76 -21.79 1.41
N GLY A 46 -10.58 -21.76 2.01
CA GLY A 46 -10.46 -21.42 3.42
C GLY A 46 -9.02 -21.54 3.87
N LEU A 47 -8.79 -21.20 5.13
CA LEU A 47 -7.48 -21.37 5.72
C LEU A 47 -7.05 -22.83 5.63
N TYR A 48 -5.74 -23.06 5.64
CA TYR A 48 -5.24 -24.42 5.49
C TYR A 48 -5.49 -25.24 6.75
N ARG A 49 -5.47 -26.56 6.56
CA ARG A 49 -5.68 -27.54 7.64
C ARG A 49 -7.04 -27.34 8.32
N THR A 50 -8.09 -27.20 7.50
CA THR A 50 -9.45 -27.04 8.02
C THR A 50 -10.41 -28.07 7.42
N GLY A 51 -9.87 -29.13 6.83
CA GLY A 51 -10.70 -30.20 6.31
C GLY A 51 -11.42 -29.87 5.02
N LYS A 52 -10.79 -29.11 4.13
CA LYS A 52 -11.42 -28.75 2.86
C LYS A 52 -11.42 -29.94 1.90
N SER A 53 -10.27 -30.59 1.73
CA SER A 53 -10.19 -31.72 0.81
C SER A 53 -11.10 -32.86 1.26
N TYR A 54 -11.16 -33.14 2.56
CA TYR A 54 -12.03 -34.18 3.08
C TYR A 54 -13.48 -33.91 2.69
N LEU A 55 -13.95 -32.68 2.91
CA LEU A 55 -15.34 -32.37 2.62
C LEU A 55 -15.65 -32.46 1.14
N MET A 56 -14.69 -32.10 0.28
CA MET A 56 -14.92 -32.18 -1.16
C MET A 56 -15.08 -33.62 -1.62
N ASN A 57 -14.31 -34.54 -1.04
CA ASN A 57 -14.50 -35.95 -1.36
C ASN A 57 -15.89 -36.43 -1.00
N LYS A 58 -16.49 -35.85 0.04
CA LYS A 58 -17.87 -36.18 0.39
C LYS A 58 -18.83 -35.74 -0.72
N LEU A 59 -18.58 -34.56 -1.30
CA LEU A 59 -19.39 -34.12 -2.43
C LEU A 59 -19.23 -35.04 -3.64
N ALA A 60 -18.08 -35.69 -3.77
CA ALA A 60 -17.90 -36.70 -4.79
C ALA A 60 -18.50 -38.04 -4.41
N GLY A 61 -18.99 -38.18 -3.17
CA GLY A 61 -19.54 -39.44 -2.70
C GLY A 61 -18.53 -40.54 -2.54
N LYS A 62 -17.27 -40.19 -2.25
CA LYS A 62 -16.20 -41.18 -2.13
C LYS A 62 -15.47 -40.99 -0.81
N ASN A 63 -14.80 -42.06 -0.38
CA ASN A 63 -14.00 -42.03 0.83
C ASN A 63 -12.59 -41.50 0.57
N LYS A 64 -12.07 -41.69 -0.64
CA LYS A 64 -10.80 -41.10 -1.04
C LYS A 64 -11.00 -40.34 -2.35
N GLY A 65 -10.04 -39.47 -2.65
CA GLY A 65 -10.11 -38.62 -3.82
C GLY A 65 -9.08 -37.52 -3.73
N PHE A 66 -9.51 -36.31 -3.40
CA PHE A 66 -8.56 -35.24 -3.10
C PHE A 66 -7.73 -35.64 -1.90
N SER A 67 -6.41 -35.51 -2.02
CA SER A 67 -5.53 -36.07 -1.00
C SER A 67 -5.70 -35.34 0.33
N VAL A 68 -5.68 -36.10 1.41
CA VAL A 68 -5.88 -35.60 2.76
C VAL A 68 -4.65 -35.98 3.59
N ALA A 69 -4.24 -35.06 4.46
CA ALA A 69 -3.09 -35.28 5.33
C ALA A 69 -3.37 -34.66 6.69
N SER A 70 -2.56 -35.01 7.68
CA SER A 70 -2.87 -34.73 9.08
C SER A 70 -1.73 -34.09 9.85
N THR A 71 -0.66 -33.69 9.17
CA THR A 71 0.44 -32.98 9.83
C THR A 71 0.13 -31.49 9.90
N VAL A 72 1.03 -30.76 10.57
CA VAL A 72 0.88 -29.31 10.68
C VAL A 72 1.22 -28.62 9.37
N GLN A 73 1.91 -29.30 8.46
CA GLN A 73 2.27 -28.72 7.17
C GLN A 73 1.07 -28.72 6.23
N SER A 74 1.06 -27.74 5.33
CA SER A 74 0.06 -27.70 4.29
C SER A 74 0.20 -28.91 3.37
N HIS A 75 -0.92 -29.28 2.72
CA HIS A 75 -0.94 -30.45 1.85
C HIS A 75 -1.37 -30.09 0.44
N THR A 76 -2.63 -29.73 0.22
CA THR A 76 -3.08 -29.35 -1.11
C THR A 76 -2.30 -28.13 -1.61
N LYS A 77 -1.79 -28.22 -2.84
CA LYS A 77 -1.13 -27.13 -3.52
C LYS A 77 -1.87 -26.83 -4.82
N GLY A 78 -1.95 -25.54 -5.16
CA GLY A 78 -2.62 -25.17 -6.40
C GLY A 78 -4.12 -25.40 -6.34
N ILE A 79 -4.69 -25.74 -7.49
CA ILE A 79 -6.11 -26.05 -7.61
C ILE A 79 -6.27 -27.37 -8.34
N TRP A 80 -7.03 -28.28 -7.74
CA TRP A 80 -7.29 -29.59 -8.32
C TRP A 80 -8.72 -29.63 -8.84
N ILE A 81 -8.94 -30.45 -9.87
CA ILE A 81 -10.23 -30.53 -10.55
C ILE A 81 -10.67 -31.98 -10.59
N TRP A 82 -11.95 -32.21 -10.33
CA TRP A 82 -12.54 -33.55 -10.41
C TRP A 82 -13.87 -33.43 -11.14
N CYS A 83 -13.92 -33.88 -12.38
CA CYS A 83 -15.14 -33.85 -13.18
C CYS A 83 -15.86 -35.18 -13.00
N VAL A 84 -17.02 -35.13 -12.36
CA VAL A 84 -17.80 -36.33 -12.06
C VAL A 84 -19.22 -36.13 -12.57
N PRO A 85 -19.96 -37.20 -12.79
CA PRO A 85 -21.37 -37.05 -13.18
C PRO A 85 -22.18 -36.39 -12.07
N HIS A 86 -23.07 -35.50 -12.47
CA HIS A 86 -24.00 -34.92 -11.52
C HIS A 86 -24.87 -36.03 -10.93
N PRO A 87 -24.96 -36.15 -9.61
CA PRO A 87 -25.63 -37.32 -9.02
C PRO A 87 -27.13 -37.35 -9.20
N ASN A 88 -27.74 -36.27 -9.70
CA ASN A 88 -29.20 -36.19 -9.77
C ASN A 88 -29.66 -35.74 -11.14
N TRP A 89 -28.87 -34.89 -11.79
CA TRP A 89 -29.27 -34.30 -13.06
C TRP A 89 -28.65 -35.10 -14.20
N PRO A 90 -29.43 -35.83 -14.98
CA PRO A 90 -28.84 -36.54 -16.12
C PRO A 90 -28.30 -35.55 -17.13
N ASN A 91 -27.19 -35.93 -17.77
CA ASN A 91 -26.53 -35.13 -18.79
C ASN A 91 -25.96 -33.82 -18.24
N HIS A 92 -25.58 -33.81 -16.96
CA HIS A 92 -24.85 -32.69 -16.37
C HIS A 92 -23.61 -33.21 -15.66
N THR A 93 -22.56 -32.42 -15.69
CA THR A 93 -21.28 -32.76 -15.06
C THR A 93 -21.07 -31.89 -13.83
N LEU A 94 -20.72 -32.53 -12.72
CA LEU A 94 -20.37 -31.83 -11.49
C LEU A 94 -18.85 -31.64 -11.45
N VAL A 95 -18.41 -30.40 -11.32
CA VAL A 95 -16.99 -30.05 -11.35
C VAL A 95 -16.59 -29.59 -9.96
N LEU A 96 -15.72 -30.34 -9.31
CA LEU A 96 -15.27 -30.05 -7.96
C LEU A 96 -13.88 -29.44 -8.01
N LEU A 97 -13.69 -28.32 -7.31
CA LEU A 97 -12.43 -27.60 -7.28
C LEU A 97 -11.93 -27.54 -5.85
N ASP A 98 -10.83 -28.25 -5.58
CA ASP A 98 -10.17 -28.26 -4.28
C ASP A 98 -8.95 -27.34 -4.34
N THR A 99 -8.80 -26.51 -3.32
CA THR A 99 -7.85 -25.40 -3.36
C THR A 99 -6.82 -25.49 -2.25
N GLU A 100 -5.63 -24.98 -2.54
CA GLU A 100 -4.60 -24.77 -1.53
C GLU A 100 -5.12 -23.85 -0.42
N GLY A 101 -4.86 -24.23 0.82
CA GLY A 101 -5.36 -23.47 1.94
C GLY A 101 -4.58 -22.18 2.18
N LEU A 102 -5.27 -21.20 2.74
CA LEU A 102 -4.71 -19.89 2.98
C LEU A 102 -3.99 -19.83 4.33
N GLY A 103 -3.03 -18.91 4.43
CA GLY A 103 -2.35 -18.67 5.69
C GLY A 103 -1.21 -19.60 6.01
N ASP A 104 -0.68 -20.30 5.01
CA ASP A 104 0.44 -21.22 5.23
C ASP A 104 1.67 -20.46 5.71
N VAL A 105 2.17 -20.80 6.89
CA VAL A 105 3.26 -20.08 7.54
C VAL A 105 4.61 -20.52 7.00
N GLU A 106 4.62 -21.36 5.98
CA GLU A 106 5.84 -21.72 5.28
C GLU A 106 5.87 -21.19 3.86
N LYS A 107 4.79 -20.55 3.41
CA LYS A 107 4.63 -20.16 2.01
C LYS A 107 5.16 -18.76 1.80
N ALA A 108 6.21 -18.63 0.98
CA ALA A 108 6.81 -17.33 0.72
C ALA A 108 5.90 -16.45 -0.12
N ASP A 109 5.19 -17.05 -1.08
CA ASP A 109 4.35 -16.29 -2.02
C ASP A 109 2.95 -16.09 -1.44
N ASN A 110 2.88 -15.21 -0.43
CA ASN A 110 1.62 -14.94 0.24
C ASN A 110 0.57 -14.37 -0.71
N LYS A 111 1.00 -13.72 -1.79
CA LYS A 111 0.06 -13.18 -2.76
C LYS A 111 -0.63 -14.26 -3.57
N ASN A 112 -0.03 -15.44 -3.67
CA ASN A 112 -0.67 -16.56 -4.36
C ASN A 112 -1.96 -16.99 -3.67
N ASP A 113 -2.09 -16.72 -2.37
CA ASP A 113 -3.35 -16.95 -1.68
C ASP A 113 -4.49 -16.21 -2.37
N ILE A 114 -4.28 -14.92 -2.65
CA ILE A 114 -5.33 -14.10 -3.26
C ILE A 114 -5.64 -14.59 -4.67
N GLN A 115 -4.64 -15.06 -5.40
CA GLN A 115 -4.86 -15.57 -6.75
C GLN A 115 -5.75 -16.81 -6.73
N ILE A 116 -5.47 -17.75 -5.83
CA ILE A 116 -6.27 -18.97 -5.74
C ILE A 116 -7.69 -18.66 -5.30
N PHE A 117 -7.84 -17.80 -4.29
CA PHE A 117 -9.17 -17.34 -3.88
C PHE A 117 -9.93 -16.74 -5.05
N ALA A 118 -9.30 -15.82 -5.79
CA ALA A 118 -9.98 -15.15 -6.89
C ALA A 118 -10.38 -16.13 -7.99
N LEU A 119 -9.48 -17.05 -8.35
CA LEU A 119 -9.80 -18.03 -9.38
C LEU A 119 -10.97 -18.91 -8.95
N ALA A 120 -11.02 -19.27 -7.67
CA ALA A 120 -12.12 -20.10 -7.17
C ALA A 120 -13.46 -19.37 -7.29
N LEU A 121 -13.46 -18.06 -7.05
CA LEU A 121 -14.69 -17.29 -7.21
C LEU A 121 -15.09 -17.20 -8.69
N LEU A 122 -14.12 -17.04 -9.58
CA LEU A 122 -14.40 -16.81 -10.99
C LEU A 122 -14.81 -18.07 -11.73
N LEU A 123 -14.33 -19.23 -11.31
CA LEU A 123 -14.56 -20.47 -12.03
C LEU A 123 -15.78 -21.24 -11.54
N SER A 124 -16.31 -20.91 -10.37
CA SER A 124 -17.35 -21.69 -9.73
C SER A 124 -18.73 -21.09 -9.96
N SER A 125 -19.75 -21.93 -9.76
CA SER A 125 -21.13 -21.48 -9.60
C SER A 125 -21.61 -21.53 -8.16
N THR A 126 -21.00 -22.36 -7.32
CA THR A 126 -21.26 -22.41 -5.89
C THR A 126 -19.93 -22.33 -5.17
N PHE A 127 -19.81 -21.37 -4.24
CA PHE A 127 -18.56 -21.10 -3.53
C PHE A 127 -18.72 -21.50 -2.08
N VAL A 128 -17.91 -22.46 -1.64
CA VAL A 128 -17.95 -22.97 -0.28
C VAL A 128 -16.82 -22.31 0.50
N TYR A 129 -17.18 -21.46 1.46
CA TYR A 129 -16.23 -20.76 2.32
C TYR A 129 -16.11 -21.51 3.63
N ASN A 130 -14.97 -22.14 3.87
CA ASN A 130 -14.79 -23.10 4.96
C ASN A 130 -14.03 -22.44 6.10
N THR A 131 -14.70 -22.27 7.25
CA THR A 131 -14.11 -21.66 8.44
C THR A 131 -14.33 -22.59 9.63
N VAL A 132 -13.66 -22.28 10.74
CA VAL A 132 -13.61 -23.14 11.91
C VAL A 132 -14.19 -22.41 13.12
N ASN A 133 -14.99 -23.13 13.91
CA ASN A 133 -15.50 -22.72 15.21
C ASN A 133 -16.55 -21.61 15.15
N LYS A 134 -16.30 -20.54 14.41
CA LYS A 134 -17.13 -19.34 14.54
C LYS A 134 -16.89 -18.45 13.33
N ILE A 135 -17.77 -17.46 13.18
CA ILE A 135 -17.59 -16.42 12.18
C ILE A 135 -16.59 -15.41 12.74
N ASP A 136 -15.48 -15.21 12.02
CA ASP A 136 -14.44 -14.28 12.42
C ASP A 136 -14.49 -13.03 11.55
N GLN A 137 -14.14 -11.89 12.14
CA GLN A 137 -14.09 -10.65 11.38
C GLN A 137 -13.00 -10.72 10.32
N GLY A 138 -11.89 -11.38 10.62
CA GLY A 138 -10.83 -11.54 9.64
C GLY A 138 -11.30 -12.31 8.40
N ALA A 139 -12.15 -13.31 8.60
CA ALA A 139 -12.68 -14.07 7.48
C ALA A 139 -13.64 -13.21 6.65
N ILE A 140 -14.38 -12.32 7.30
CA ILE A 140 -15.26 -11.41 6.58
C ILE A 140 -14.45 -10.42 5.75
N ASP A 141 -13.41 -9.85 6.35
CA ASP A 141 -12.59 -8.88 5.64
C ASP A 141 -11.85 -9.51 4.47
N LEU A 142 -11.39 -10.75 4.65
CA LEU A 142 -10.70 -11.43 3.55
C LEU A 142 -11.64 -11.65 2.37
N LEU A 143 -12.87 -12.11 2.65
CA LEU A 143 -13.85 -12.25 1.58
C LEU A 143 -14.15 -10.90 0.92
N HIS A 144 -14.25 -9.86 1.72
CA HIS A 144 -14.46 -8.50 1.19
C HIS A 144 -13.34 -8.11 0.22
N ASN A 145 -12.09 -8.18 0.68
CA ASN A 145 -10.97 -7.75 -0.14
C ASN A 145 -10.89 -8.53 -1.45
N VAL A 146 -10.93 -9.86 -1.36
CA VAL A 146 -10.74 -10.67 -2.56
C VAL A 146 -11.92 -10.52 -3.52
N THR A 147 -13.14 -10.35 -2.99
CA THR A 147 -14.30 -10.12 -3.86
C THR A 147 -14.11 -8.85 -4.67
N GLU A 148 -13.67 -7.77 -4.02
CA GLU A 148 -13.42 -6.51 -4.72
C GLU A 148 -12.31 -6.67 -5.76
N LEU A 149 -11.22 -7.32 -5.37
CA LEU A 149 -10.12 -7.58 -6.31
C LEU A 149 -10.56 -8.48 -7.45
N THR A 150 -11.45 -9.43 -7.17
CA THR A 150 -11.94 -10.34 -8.21
C THR A 150 -12.78 -9.59 -9.23
N ASP A 151 -13.66 -8.69 -8.76
CA ASP A 151 -14.47 -7.89 -9.66
C ASP A 151 -13.59 -6.97 -10.51
N LEU A 152 -12.48 -6.48 -9.94
CA LEU A 152 -11.54 -5.66 -10.70
C LEU A 152 -10.85 -6.48 -11.78
N LEU A 153 -10.39 -7.68 -11.42
CA LEU A 153 -9.78 -8.56 -12.42
C LEU A 153 -10.76 -8.88 -13.54
N LYS A 154 -12.02 -9.12 -13.18
CA LYS A 154 -13.04 -9.40 -14.20
C LYS A 154 -13.28 -8.19 -15.09
N ALA A 155 -13.20 -6.98 -14.52
CA ALA A 155 -13.47 -5.77 -15.29
C ALA A 155 -12.32 -5.43 -16.24
N ARG A 156 -11.08 -5.74 -15.87
CA ARG A 156 -9.94 -5.47 -16.75
C ARG A 156 -9.79 -6.48 -17.87
N ASN A 157 -10.71 -7.45 -18.01
CA ASN A 157 -10.60 -8.47 -19.04
C ASN A 157 -11.93 -8.74 -19.73
N SER A 158 -12.80 -7.74 -19.81
CA SER A 158 -14.12 -7.97 -20.38
C SER A 158 -14.27 -7.50 -21.83
N PRO A 159 -13.77 -6.31 -22.22
CA PRO A 159 -13.89 -5.95 -23.65
C PRO A 159 -13.26 -6.97 -24.60
N GLU A 165 -25.91 -2.52 -25.01
CA GLU A 165 -26.12 -3.96 -25.06
C GLU A 165 -26.91 -4.43 -23.83
N ASP A 166 -27.18 -3.49 -22.91
CA ASP A 166 -27.99 -3.74 -21.72
C ASP A 166 -27.39 -4.87 -20.89
N PRO A 167 -26.28 -4.63 -20.19
CA PRO A 167 -25.57 -5.72 -19.53
C PRO A 167 -26.10 -6.06 -18.14
N ALA A 168 -26.05 -7.36 -17.83
CA ALA A 168 -26.42 -7.85 -16.51
C ALA A 168 -25.39 -7.40 -15.50
N ASP A 169 -25.81 -7.26 -14.24
CA ASP A 169 -24.87 -6.85 -13.21
C ASP A 169 -23.73 -7.85 -13.10
N SER A 170 -22.56 -7.34 -12.68
CA SER A 170 -21.41 -8.22 -12.50
C SER A 170 -21.66 -9.23 -11.38
N ALA A 171 -22.33 -8.78 -10.31
CA ALA A 171 -22.56 -9.66 -9.16
C ALA A 171 -23.46 -10.83 -9.50
N SER A 172 -24.34 -10.66 -10.50
CA SER A 172 -25.26 -11.73 -10.87
C SER A 172 -24.54 -12.96 -11.41
N PHE A 173 -23.25 -12.87 -11.70
CA PHE A 173 -22.48 -14.01 -12.18
C PHE A 173 -21.52 -14.55 -11.12
N PHE A 174 -21.43 -13.90 -9.97
CA PHE A 174 -20.66 -14.45 -8.86
C PHE A 174 -21.36 -15.69 -8.31
N PRO A 175 -20.61 -16.63 -7.75
CA PRO A 175 -21.22 -17.87 -7.27
C PRO A 175 -22.03 -17.65 -6.01
N ASP A 176 -22.92 -18.61 -5.74
CA ASP A 176 -23.67 -18.61 -4.50
C ASP A 176 -22.73 -18.92 -3.34
N LEU A 177 -22.98 -18.28 -2.20
CA LEU A 177 -22.10 -18.39 -1.04
C LEU A 177 -22.65 -19.44 -0.08
N VAL A 178 -21.80 -20.39 0.28
CA VAL A 178 -22.11 -21.40 1.30
C VAL A 178 -21.02 -21.30 2.35
N TRP A 179 -21.38 -20.87 3.56
CA TRP A 179 -20.44 -20.69 4.65
C TRP A 179 -20.54 -21.89 5.58
N THR A 180 -19.48 -22.70 5.63
CA THR A 180 -19.44 -23.87 6.49
C THR A 180 -18.65 -23.55 7.75
N LEU A 181 -19.14 -24.03 8.88
CA LEU A 181 -18.52 -23.83 10.19
C LEU A 181 -18.14 -25.19 10.74
N ARG A 182 -16.84 -25.48 10.76
CA ARG A 182 -16.35 -26.79 11.19
C ARG A 182 -16.06 -26.76 12.69
N ASP A 183 -16.14 -27.96 13.30
CA ASP A 183 -15.89 -28.13 14.73
C ASP A 183 -16.71 -27.16 15.57
N PHE A 184 -17.99 -27.01 15.21
CA PHE A 184 -18.83 -26.01 15.83
C PHE A 184 -19.34 -26.48 17.19
N CYS A 185 -19.17 -25.65 18.21
CA CYS A 185 -19.53 -25.99 19.58
C CYS A 185 -20.30 -24.91 20.33
N LEU A 186 -20.16 -23.63 19.97
CA LEU A 186 -20.78 -22.55 20.72
C LEU A 186 -22.29 -22.59 20.59
N GLY A 187 -22.96 -22.02 21.59
CA GLY A 187 -24.41 -21.94 21.57
C GLY A 187 -24.89 -20.95 20.51
N LEU A 188 -25.82 -21.40 19.67
CA LEU A 188 -26.44 -20.53 18.68
C LEU A 188 -27.52 -19.71 19.38
N GLU A 189 -27.07 -18.70 20.11
CA GLU A 189 -27.92 -17.83 20.90
C GLU A 189 -27.39 -16.42 20.83
N ILE A 190 -28.25 -15.47 20.44
CA ILE A 190 -27.85 -14.08 20.27
C ILE A 190 -28.83 -13.20 21.03
N ASP A 191 -28.34 -12.46 22.02
CA ASP A 191 -29.16 -11.54 22.81
C ASP A 191 -30.35 -12.25 23.43
N GLY A 192 -30.12 -13.45 23.95
CA GLY A 192 -31.14 -14.21 24.63
C GLY A 192 -32.05 -15.03 23.73
N GLN A 193 -31.91 -14.94 22.41
CA GLN A 193 -32.77 -15.67 21.48
C GLN A 193 -31.96 -16.71 20.73
N LEU A 194 -32.52 -17.92 20.64
CA LEU A 194 -31.91 -18.97 19.85
C LEU A 194 -32.01 -18.65 18.37
N VAL A 195 -30.92 -18.89 17.64
CA VAL A 195 -30.87 -18.59 16.21
C VAL A 195 -30.44 -19.83 15.45
N THR A 196 -30.90 -19.92 14.21
CA THR A 196 -30.42 -20.94 13.29
C THR A 196 -29.04 -20.56 12.76
N PRO A 197 -28.29 -21.52 12.20
CA PRO A 197 -27.01 -21.16 11.57
C PRO A 197 -27.15 -20.08 10.50
N ASP A 198 -28.22 -20.09 9.72
CA ASP A 198 -28.43 -19.04 8.74
C ASP A 198 -28.65 -17.68 9.40
N GLU A 199 -29.44 -17.66 10.48
CA GLU A 199 -29.65 -16.41 11.21
C GLU A 199 -28.36 -15.91 11.85
N TYR A 200 -27.48 -16.83 12.27
CA TYR A 200 -26.18 -16.44 12.81
C TYR A 200 -25.31 -15.80 11.73
N LEU A 201 -25.28 -16.39 10.53
CA LEU A 201 -24.52 -15.80 9.43
C LEU A 201 -25.03 -14.41 9.08
N GLU A 202 -26.35 -14.27 8.95
CA GLU A 202 -26.92 -12.99 8.55
C GLU A 202 -26.69 -11.93 9.61
N ASN A 203 -26.82 -12.30 10.89
CA ASN A 203 -26.54 -11.36 11.96
C ASN A 203 -25.10 -10.86 11.90
N SER A 204 -24.16 -11.74 11.54
CA SER A 204 -22.76 -11.33 11.44
C SER A 204 -22.53 -10.40 10.26
N LEU A 205 -23.32 -10.54 9.19
CA LEU A 205 -23.11 -9.78 7.96
C LEU A 205 -24.07 -8.62 7.81
N ARG A 206 -24.95 -8.37 8.79
CA ARG A 206 -25.97 -7.34 8.65
C ARG A 206 -25.34 -5.97 8.84
N PRO A 207 -25.47 -5.06 7.87
CA PRO A 207 -24.97 -3.69 8.06
C PRO A 207 -25.71 -2.98 9.18
N LYS A 208 -24.95 -2.24 10.00
CA LYS A 208 -25.55 -1.43 11.04
C LYS A 208 -26.24 -0.20 10.47
N GLN A 209 -27.36 0.18 11.08
CA GLN A 209 -28.11 1.37 10.71
C GLN A 209 -27.46 2.63 11.27
N GLY A 210 -27.65 3.75 10.57
CA GLY A 210 -27.19 5.02 11.11
C GLY A 210 -26.52 5.99 10.15
N SER A 211 -25.58 5.50 9.35
CA SER A 211 -24.81 6.25 8.35
C SER A 211 -23.78 7.20 8.96
N ASP A 212 -23.46 7.06 10.24
CA ASP A 212 -22.46 7.91 10.86
C ASP A 212 -21.07 7.36 10.60
N GLN A 213 -20.06 8.07 11.10
CA GLN A 213 -18.67 7.65 10.88
C GLN A 213 -18.32 6.43 11.71
N ARG A 214 -18.89 6.31 12.91
CA ARG A 214 -18.65 5.15 13.77
C ARG A 214 -19.02 3.83 13.10
N VAL A 215 -19.73 3.89 11.97
CA VAL A 215 -20.29 2.72 11.33
C VAL A 215 -19.63 2.41 9.98
N GLN A 216 -18.92 3.38 9.40
CA GLN A 216 -18.43 3.25 8.03
C GLN A 216 -17.55 2.02 7.85
N ASN A 217 -16.56 1.84 8.72
CA ASN A 217 -15.65 0.69 8.59
C ASN A 217 -16.40 -0.63 8.73
N PHE A 218 -17.32 -0.71 9.69
CA PHE A 218 -18.11 -1.92 9.89
C PHE A 218 -18.92 -2.27 8.65
N ASN A 219 -19.56 -1.27 8.03
CA ASN A 219 -20.47 -1.53 6.93
C ASN A 219 -19.77 -1.72 5.59
N LEU A 220 -18.49 -1.37 5.48
CA LEU A 220 -17.80 -1.48 4.20
C LEU A 220 -17.74 -2.93 3.70
N PRO A 221 -17.23 -3.91 4.45
CA PRO A 221 -17.24 -5.28 3.94
C PRO A 221 -18.63 -5.87 3.81
N ARG A 222 -19.55 -5.49 4.69
CA ARG A 222 -20.88 -6.11 4.69
C ARG A 222 -21.73 -5.61 3.53
N LEU A 223 -21.63 -4.31 3.19
CA LEU A 223 -22.32 -3.82 2.00
C LEU A 223 -21.81 -4.51 0.74
N CYS A 224 -20.50 -4.82 0.69
CA CYS A 224 -19.94 -5.51 -0.46
C CYS A 224 -20.46 -6.93 -0.56
N ILE A 225 -20.40 -7.68 0.55
CA ILE A 225 -20.83 -9.08 0.52
C ILE A 225 -22.32 -9.18 0.24
N GLN A 226 -23.11 -8.27 0.81
CA GLN A 226 -24.53 -8.19 0.48
C GLN A 226 -24.75 -8.01 -1.01
N LYS A 227 -23.90 -7.23 -1.67
CA LYS A 227 -24.08 -6.95 -3.09
C LYS A 227 -23.69 -8.15 -3.95
N PHE A 228 -22.55 -8.76 -3.67
CA PHE A 228 -22.01 -9.80 -4.54
C PHE A 228 -22.49 -11.20 -4.18
N PHE A 229 -23.03 -11.40 -2.98
CA PHE A 229 -23.54 -12.71 -2.55
C PHE A 229 -24.92 -12.51 -1.94
N PRO A 230 -25.93 -12.25 -2.78
CA PRO A 230 -27.29 -12.10 -2.22
C PRO A 230 -27.84 -13.40 -1.66
N LYS A 231 -27.58 -14.53 -2.31
CA LYS A 231 -28.04 -15.83 -1.84
C LYS A 231 -26.94 -16.45 -0.97
N LYS A 232 -27.20 -16.55 0.33
CA LYS A 232 -26.26 -17.12 1.27
C LYS A 232 -26.86 -18.32 1.98
N LYS A 233 -25.99 -19.23 2.43
CA LYS A 233 -26.39 -20.39 3.20
C LYS A 233 -25.28 -20.75 4.17
N CYS A 234 -25.67 -21.09 5.40
CA CYS A 234 -24.73 -21.45 6.45
C CYS A 234 -25.00 -22.86 6.94
N PHE A 235 -23.93 -23.61 7.19
CA PHE A 235 -24.00 -24.97 7.71
C PHE A 235 -23.03 -25.13 8.86
N ILE A 236 -23.45 -25.86 9.89
CA ILE A 236 -22.59 -26.18 11.01
C ILE A 236 -22.23 -27.66 10.95
N PHE A 237 -21.03 -27.96 11.45
CA PHE A 237 -20.54 -29.34 11.53
C PHE A 237 -19.93 -29.54 12.90
N ASP A 238 -20.40 -30.56 13.61
CA ASP A 238 -19.81 -30.92 14.89
C ASP A 238 -18.38 -31.38 14.68
N LEU A 239 -17.62 -31.43 15.77
CA LEU A 239 -16.37 -32.16 15.75
C LEU A 239 -16.65 -33.57 15.23
N PRO A 240 -15.93 -34.03 14.21
CA PRO A 240 -16.37 -35.24 13.49
C PRO A 240 -16.12 -36.54 14.23
N ALA A 241 -15.14 -36.58 15.12
CA ALA A 241 -14.79 -37.82 15.80
C ALA A 241 -13.93 -37.49 17.01
N HIS A 242 -13.60 -38.53 17.77
CA HIS A 242 -12.65 -38.38 18.87
C HIS A 242 -11.34 -37.81 18.36
N GLN A 243 -10.74 -36.93 19.16
CA GLN A 243 -9.61 -36.14 18.67
C GLN A 243 -8.42 -37.00 18.28
N LYS A 244 -8.28 -38.19 18.86
CA LYS A 244 -7.19 -39.08 18.46
C LYS A 244 -7.44 -39.78 17.13
N LYS A 245 -8.65 -39.71 16.57
CA LYS A 245 -8.95 -40.39 15.32
C LYS A 245 -9.15 -39.44 14.14
N LEU A 246 -8.91 -38.14 14.34
CA LEU A 246 -9.09 -37.18 13.25
C LEU A 246 -8.08 -37.41 12.13
N ALA A 247 -6.86 -37.82 12.47
CA ALA A 247 -5.84 -38.09 11.46
C ALA A 247 -6.24 -39.16 10.44
N GLN A 248 -7.18 -40.05 10.80
CA GLN A 248 -7.58 -41.17 9.94
C GLN A 248 -9.04 -41.07 9.55
N LEU A 249 -9.58 -39.85 9.53
CA LEU A 249 -11.02 -39.64 9.37
C LEU A 249 -11.58 -40.32 8.11
N GLU A 250 -10.89 -40.19 6.97
CA GLU A 250 -11.44 -40.73 5.74
C GLU A 250 -11.40 -42.26 5.69
N THR A 251 -10.63 -42.91 6.56
CA THR A 251 -10.59 -44.37 6.61
C THR A 251 -11.62 -44.97 7.56
N LEU A 252 -12.23 -44.17 8.43
CA LEU A 252 -13.12 -44.70 9.47
C LEU A 252 -14.54 -44.90 8.94
N PRO A 253 -15.20 -45.95 9.41
CA PRO A 253 -16.62 -46.13 9.09
C PRO A 253 -17.47 -45.13 9.86
N ASP A 254 -18.73 -45.01 9.44
CA ASP A 254 -19.62 -43.98 9.98
C ASP A 254 -19.88 -44.14 11.47
N ASP A 255 -19.83 -45.36 11.99
CA ASP A 255 -20.15 -45.54 13.40
C ASP A 255 -18.99 -45.19 14.33
N GLU A 256 -17.82 -44.86 13.78
CA GLU A 256 -16.73 -44.32 14.59
C GLU A 256 -16.64 -42.80 14.53
N LEU A 257 -17.44 -42.17 13.68
CA LEU A 257 -17.55 -40.72 13.69
C LEU A 257 -18.73 -40.30 14.57
N GLU A 258 -18.80 -39.02 14.86
CA GLU A 258 -19.94 -38.49 15.58
C GLU A 258 -21.18 -38.64 14.71
N PRO A 259 -22.28 -39.19 15.23
CA PRO A 259 -23.47 -39.37 14.37
C PRO A 259 -24.01 -38.07 13.82
N GLU A 260 -23.95 -36.99 14.61
CA GLU A 260 -24.43 -35.70 14.11
C GLU A 260 -23.57 -35.20 12.96
N PHE A 261 -22.27 -35.49 12.98
CA PHE A 261 -21.41 -35.09 11.88
C PHE A 261 -21.77 -35.81 10.59
N VAL A 262 -22.02 -37.12 10.68
CA VAL A 262 -22.40 -37.90 9.50
C VAL A 262 -23.69 -37.34 8.90
N GLN A 263 -24.67 -37.05 9.75
CA GLN A 263 -25.91 -36.46 9.28
C GLN A 263 -25.69 -35.06 8.73
N GLN A 264 -24.81 -34.28 9.36
CA GLN A 264 -24.55 -32.92 8.89
C GLN A 264 -23.88 -32.91 7.53
N VAL A 265 -22.95 -33.84 7.28
CA VAL A 265 -22.31 -33.93 5.98
C VAL A 265 -23.32 -34.31 4.90
N THR A 266 -24.24 -35.22 5.23
CA THR A 266 -25.27 -35.62 4.26
C THR A 266 -26.20 -34.45 3.95
N GLU A 267 -26.59 -33.68 4.96
CA GLU A 267 -27.45 -32.52 4.72
C GLU A 267 -26.73 -31.47 3.89
N PHE A 268 -25.42 -31.31 4.12
CA PHE A 268 -24.65 -30.36 3.32
C PHE A 268 -24.59 -30.79 1.85
N CYS A 269 -24.29 -32.06 1.62
CA CYS A 269 -24.20 -32.55 0.24
C CYS A 269 -25.55 -32.44 -0.47
N SER A 270 -26.63 -32.76 0.23
CA SER A 270 -27.95 -32.71 -0.40
C SER A 270 -28.33 -31.30 -0.80
N TYR A 271 -27.99 -30.31 0.04
CA TYR A 271 -28.27 -28.91 -0.30
C TYR A 271 -27.48 -28.48 -1.53
N ILE A 272 -26.19 -28.80 -1.56
CA ILE A 272 -25.35 -28.48 -2.71
C ILE A 272 -25.95 -29.06 -3.99
N PHE A 273 -26.28 -30.34 -3.98
CA PHE A 273 -26.79 -31.01 -5.17
C PHE A 273 -28.12 -30.43 -5.62
N SER A 274 -28.95 -29.95 -4.69
CA SER A 274 -30.31 -29.56 -5.04
C SER A 274 -30.44 -28.10 -5.42
N HIS A 275 -29.51 -27.23 -5.00
CA HIS A 275 -29.66 -25.80 -5.20
C HIS A 275 -28.59 -25.18 -6.08
N SER A 276 -27.46 -25.86 -6.30
CA SER A 276 -26.43 -25.34 -7.16
C SER A 276 -26.92 -25.27 -8.61
N MET A 277 -26.52 -24.20 -9.30
CA MET A 277 -26.96 -23.95 -10.66
C MET A 277 -25.83 -24.20 -11.64
N THR A 278 -26.20 -24.44 -12.90
CA THR A 278 -25.23 -24.47 -13.97
C THR A 278 -24.55 -23.11 -14.08
N LYS A 279 -23.22 -23.10 -14.21
CA LYS A 279 -22.51 -21.84 -14.32
C LYS A 279 -22.88 -21.14 -15.62
N THR A 280 -23.07 -19.82 -15.53
CA THR A 280 -23.51 -19.01 -16.65
C THR A 280 -22.52 -17.89 -16.93
N LEU A 281 -22.64 -17.31 -18.12
CA LEU A 281 -21.86 -16.18 -18.58
C LEU A 281 -22.78 -15.15 -19.23
N PRO A 282 -22.33 -13.90 -19.38
CA PRO A 282 -23.16 -12.89 -20.03
C PRO A 282 -23.67 -13.33 -21.39
N GLY A 283 -24.92 -12.96 -21.69
CA GLY A 283 -25.55 -13.31 -22.94
C GLY A 283 -26.33 -14.60 -22.92
N GLY A 284 -26.80 -15.04 -21.76
CA GLY A 284 -27.53 -16.30 -21.68
C GLY A 284 -26.71 -17.50 -22.12
N ILE A 285 -25.42 -17.50 -21.78
CA ILE A 285 -24.51 -18.57 -22.19
C ILE A 285 -24.33 -19.52 -21.01
N MET A 286 -24.61 -20.80 -21.25
CA MET A 286 -24.39 -21.84 -20.25
C MET A 286 -23.00 -22.44 -20.45
N VAL A 287 -22.21 -22.48 -19.37
CA VAL A 287 -20.82 -22.92 -19.44
C VAL A 287 -20.76 -24.42 -19.55
N ASN A 288 -19.95 -24.92 -20.48
CA ASN A 288 -19.61 -26.34 -20.57
C ASN A 288 -18.12 -26.50 -20.30
N GLY A 289 -17.59 -27.69 -20.61
CA GLY A 289 -16.19 -27.96 -20.36
C GLY A 289 -15.27 -27.07 -21.18
N SER A 290 -15.58 -26.89 -22.46
CA SER A 290 -14.74 -26.06 -23.32
C SER A 290 -14.74 -24.61 -22.84
N ARG A 291 -15.93 -24.05 -22.59
CA ARG A 291 -16.00 -22.66 -22.12
C ARG A 291 -15.37 -22.49 -20.74
N LEU A 292 -15.43 -23.53 -19.90
CA LEU A 292 -14.73 -23.45 -18.62
C LEU A 292 -13.22 -23.43 -18.81
N LYS A 293 -12.72 -24.22 -19.76
CA LYS A 293 -11.30 -24.16 -20.09
C LYS A 293 -10.90 -22.77 -20.56
N ASN A 294 -11.75 -22.13 -21.37
CA ASN A 294 -11.45 -20.78 -21.84
C ASN A 294 -11.41 -19.79 -20.69
N LEU A 295 -12.30 -19.95 -19.70
CA LEU A 295 -12.25 -19.10 -18.52
C LEU A 295 -10.97 -19.32 -17.73
N VAL A 296 -10.55 -20.58 -17.58
CA VAL A 296 -9.31 -20.88 -16.87
C VAL A 296 -8.14 -20.17 -17.53
N LEU A 297 -8.00 -20.35 -18.85
CA LEU A 297 -6.88 -19.74 -19.57
C LEU A 297 -6.95 -18.22 -19.52
N THR A 298 -8.15 -17.65 -19.67
CA THR A 298 -8.29 -16.20 -19.66
C THR A 298 -7.79 -15.61 -18.35
N TYR A 299 -8.26 -16.15 -17.22
CA TYR A 299 -7.94 -15.56 -15.93
C TYR A 299 -6.53 -15.89 -15.46
N VAL A 300 -6.02 -17.09 -15.78
CA VAL A 300 -4.65 -17.42 -15.41
C VAL A 300 -3.66 -16.51 -16.13
N ASN A 301 -3.92 -16.23 -17.41
CA ASN A 301 -3.05 -15.31 -18.15
C ASN A 301 -3.19 -13.88 -17.63
N ALA A 302 -4.42 -13.44 -17.34
CA ALA A 302 -4.61 -12.10 -16.79
C ALA A 302 -3.85 -11.92 -15.48
N ILE A 303 -3.83 -12.95 -14.64
CA ILE A 303 -3.09 -12.88 -13.38
C ILE A 303 -1.60 -12.84 -13.65
N SER A 304 -1.12 -13.64 -14.61
CA SER A 304 0.30 -13.68 -14.93
C SER A 304 0.79 -12.36 -15.52
N SER A 305 -0.10 -11.54 -16.07
CA SER A 305 0.28 -10.26 -16.64
C SER A 305 0.03 -9.10 -15.69
N GLY A 306 -0.32 -9.38 -14.43
CA GLY A 306 -0.38 -8.36 -13.40
C GLY A 306 -1.72 -7.71 -13.18
N ASP A 307 -2.79 -8.22 -13.79
CA ASP A 307 -4.10 -7.57 -13.68
C ASP A 307 -4.72 -7.71 -12.29
N LEU A 308 -4.18 -8.56 -11.43
CA LEU A 308 -4.77 -8.75 -10.11
C LEU A 308 -3.97 -8.03 -9.04
N PRO A 309 -4.51 -7.02 -8.39
CA PRO A 309 -3.78 -6.32 -7.33
C PRO A 309 -3.40 -7.25 -6.19
N CYS A 310 -2.45 -6.79 -5.39
CA CYS A 310 -1.86 -7.56 -4.30
C CYS A 310 -2.12 -6.87 -2.97
N ILE A 311 -2.52 -7.62 -1.96
CA ILE A 311 -2.79 -7.05 -0.64
C ILE A 311 -1.46 -7.00 0.10
N GLU A 312 -1.02 -5.77 0.40
CA GLU A 312 0.27 -5.54 1.03
C GLU A 312 0.20 -5.69 2.54
N ASN A 313 1.38 -5.89 3.13
CA ASN A 313 1.50 -5.93 4.58
C ASN A 313 1.08 -4.59 5.18
N ALA A 314 0.40 -4.64 6.33
CA ALA A 314 -0.13 -3.41 6.91
C ALA A 314 0.98 -2.47 7.34
N VAL A 315 2.13 -3.02 7.74
CA VAL A 315 3.27 -2.19 8.15
C VAL A 315 3.84 -1.44 6.96
N LEU A 316 3.82 -2.05 5.77
CA LEU A 316 4.32 -1.35 4.58
C LEU A 316 3.34 -0.27 4.13
N ALA A 317 2.04 -0.53 4.25
CA ALA A 317 1.06 0.49 3.91
C ALA A 317 1.21 1.70 4.83
N LEU A 318 1.50 1.46 6.11
CA LEU A 318 1.75 2.57 7.03
C LEU A 318 3.05 3.27 6.71
N ALA A 319 4.08 2.52 6.31
CA ALA A 319 5.35 3.13 5.96
C ALA A 319 5.21 4.08 4.78
N GLN A 320 4.48 3.67 3.74
CA GLN A 320 4.31 4.55 2.59
C GLN A 320 3.42 5.75 2.91
N ARG A 321 2.37 5.54 3.71
CA ARG A 321 1.49 6.65 4.04
C ARG A 321 2.22 7.71 4.86
N GLU A 322 3.05 7.29 5.81
CA GLU A 322 3.77 8.25 6.64
C GLU A 322 4.98 8.84 5.92
N ASN A 323 5.67 8.05 5.10
CA ASN A 323 6.78 8.58 4.32
C ASN A 323 6.29 9.60 3.29
N SER A 324 5.14 9.33 2.67
CA SER A 324 4.55 10.29 1.75
C SER A 324 4.21 11.60 2.47
N ALA A 325 3.71 11.50 3.69
CA ALA A 325 3.50 12.71 4.50
C ALA A 325 4.84 13.38 4.81
N ALA A 326 5.90 12.61 5.01
CA ALA A 326 7.19 13.17 5.39
C ALA A 326 7.82 13.96 4.24
N VAL A 327 7.68 13.49 3.01
CA VAL A 327 8.24 14.23 1.88
C VAL A 327 7.49 15.54 1.68
N GLN A 328 6.17 15.55 1.90
CA GLN A 328 5.40 16.78 1.80
C GLN A 328 5.79 17.75 2.91
N LYS A 329 6.09 17.24 4.10
CA LYS A 329 6.62 18.10 5.15
C LYS A 329 8.01 18.61 4.79
N ALA A 330 8.76 17.83 4.02
CA ALA A 330 10.09 18.26 3.60
C ALA A 330 10.00 19.38 2.56
N ILE A 331 9.10 19.24 1.58
CA ILE A 331 8.94 20.27 0.56
C ILE A 331 8.30 21.53 1.12
N ALA A 332 7.61 21.43 2.26
CA ALA A 332 7.01 22.62 2.86
C ALA A 332 8.06 23.56 3.44
N HIS A 333 9.17 23.03 3.95
CA HIS A 333 10.21 23.89 4.51
C HIS A 333 11.23 24.37 3.50
N TYR A 334 11.45 23.59 2.42
CA TYR A 334 12.35 24.05 1.37
C TYR A 334 11.68 25.08 0.46
N ASP A 335 10.35 25.11 0.43
CA ASP A 335 9.62 26.13 -0.32
C ASP A 335 9.46 27.41 0.48
N GLN A 336 9.39 27.30 1.81
CA GLN A 336 9.31 28.43 2.71
C GLN A 336 10.64 29.14 2.90
N GLN A 337 11.74 28.52 2.49
CA GLN A 337 13.07 29.11 2.66
C GLN A 337 13.34 30.26 1.71
N MET A 338 12.46 30.51 0.73
CA MET A 338 12.60 31.67 -0.14
C MET A 338 12.04 32.94 0.45
N GLY A 339 12.28 33.19 1.74
CA GLY A 339 11.90 34.44 2.37
C GLY A 339 10.58 34.35 3.10
N LEU A 344 15.53 37.17 -5.46
CA LEU A 344 16.07 36.81 -6.76
C LEU A 344 17.05 37.84 -7.36
N PRO A 345 16.85 39.16 -7.10
CA PRO A 345 17.93 40.10 -7.45
C PRO A 345 19.04 40.12 -6.39
N MET A 346 19.71 38.98 -6.24
CA MET A 346 20.86 38.87 -5.36
C MET A 346 22.12 39.32 -6.10
N GLU A 347 23.08 39.83 -5.33
CA GLU A 347 24.32 40.31 -5.94
C GLU A 347 25.21 39.15 -6.37
N THR A 348 25.32 38.11 -5.55
CA THR A 348 26.26 37.02 -5.82
C THR A 348 25.54 35.75 -6.25
N LEU A 349 26.30 34.93 -6.99
CA LEU A 349 25.84 33.67 -7.57
C LEU A 349 26.12 32.46 -6.70
N GLN A 350 27.21 32.47 -5.93
CA GLN A 350 27.53 31.30 -5.13
C GLN A 350 26.57 31.16 -3.95
N GLU A 351 25.93 32.25 -3.54
CA GLU A 351 24.89 32.17 -2.52
C GLU A 351 23.70 31.36 -3.01
N LEU A 352 23.45 31.35 -4.32
CA LEU A 352 22.43 30.49 -4.87
C LEU A 352 22.72 29.02 -4.54
N LEU A 353 23.96 28.59 -4.75
CA LEU A 353 24.37 27.26 -4.34
C LEU A 353 24.32 27.12 -2.82
N ASP A 354 24.72 28.18 -2.09
CA ASP A 354 24.76 28.13 -0.64
C ASP A 354 23.38 28.01 -0.03
N LEU A 355 22.41 28.77 -0.54
CA LEU A 355 21.05 28.69 -0.02
C LEU A 355 20.36 27.39 -0.42
N HIS A 356 20.66 26.87 -1.61
CA HIS A 356 20.13 25.57 -2.02
C HIS A 356 20.65 24.46 -1.12
N ALA A 357 21.93 24.53 -0.74
CA ALA A 357 22.51 23.51 0.12
C ALA A 357 21.84 23.51 1.50
N THR A 358 21.67 24.70 2.07
CA THR A 358 20.98 24.79 3.36
C THR A 358 19.53 24.37 3.25
N SER A 359 18.90 24.64 2.11
CA SER A 359 17.50 24.24 1.92
C SER A 359 17.38 22.74 1.69
N GLU A 360 18.23 22.18 0.82
CA GLU A 360 18.20 20.75 0.58
C GLU A 360 18.53 19.96 1.83
N ARG A 361 19.51 20.41 2.61
CA ARG A 361 19.84 19.73 3.86
C ARG A 361 18.71 19.86 4.88
N GLU A 362 17.96 20.96 4.84
CA GLU A 362 16.86 21.13 5.78
C GLU A 362 15.70 20.20 5.47
N ALA A 363 15.41 19.99 4.18
CA ALA A 363 14.30 19.11 3.81
C ALA A 363 14.62 17.65 4.14
N ILE A 364 15.88 17.25 3.96
CA ILE A 364 16.27 15.89 4.33
C ILE A 364 16.16 15.69 5.82
N GLU A 365 16.46 16.72 6.62
CA GLU A 365 16.42 16.59 8.06
C GLU A 365 14.98 16.50 8.57
N VAL A 366 14.07 17.29 8.00
CA VAL A 366 12.68 17.21 8.42
C VAL A 366 12.04 15.90 7.97
N PHE A 367 12.49 15.35 6.85
CA PHE A 367 11.96 14.07 6.38
C PHE A 367 12.30 12.94 7.33
N MET A 368 13.59 12.80 7.67
CA MET A 368 14.02 11.75 8.60
C MET A 368 13.25 11.82 9.92
N LYS A 369 12.98 13.04 10.40
CA LYS A 369 12.23 13.19 11.64
C LYS A 369 10.84 12.56 11.54
N ASN A 370 10.23 12.59 10.36
CA ASN A 370 8.86 12.11 10.18
C ASN A 370 8.78 10.82 9.36
N SER A 371 9.92 10.19 9.05
CA SER A 371 9.90 9.00 8.21
C SER A 371 9.72 7.75 9.05
N PHE A 372 9.34 6.66 8.38
CA PHE A 372 9.08 5.40 9.06
C PHE A 372 9.34 4.26 8.09
N LYS A 373 10.38 3.46 8.38
CA LYS A 373 10.68 2.25 7.62
C LYS A 373 10.83 2.55 6.12
N ASP A 374 11.62 3.58 5.81
CA ASP A 374 11.91 3.90 4.42
C ASP A 374 12.84 2.87 3.82
N VAL A 375 12.27 1.76 3.32
CA VAL A 375 13.10 0.69 2.76
C VAL A 375 13.75 1.19 1.48
N ASP A 376 15.01 0.80 1.28
CA ASP A 376 15.82 1.18 0.11
C ASP A 376 16.03 2.68 0.00
N GLN A 377 15.68 3.45 1.04
CA GLN A 377 15.69 4.91 1.00
C GLN A 377 14.87 5.43 -0.19
N SER A 378 13.88 4.66 -0.61
CA SER A 378 13.16 4.98 -1.85
C SER A 378 12.48 6.34 -1.78
N PHE A 379 11.94 6.70 -0.61
CA PHE A 379 11.33 8.01 -0.48
C PHE A 379 12.36 9.10 -0.21
N GLN A 380 13.50 8.75 0.39
CA GLN A 380 14.57 9.74 0.56
C GLN A 380 15.29 9.99 -0.76
N LYS A 381 15.69 8.92 -1.46
CA LYS A 381 16.39 9.09 -2.72
C LYS A 381 15.52 9.82 -3.75
N GLU A 382 14.21 9.54 -3.74
CA GLU A 382 13.31 10.28 -4.62
C GLU A 382 13.34 11.77 -4.29
N LEU A 383 13.24 12.11 -3.00
CA LEU A 383 13.29 13.50 -2.59
C LEU A 383 14.64 14.14 -2.94
N GLU A 384 15.72 13.37 -2.85
CA GLU A 384 17.04 13.91 -3.17
C GLU A 384 17.09 14.35 -4.63
N THR A 385 16.71 13.47 -5.56
CA THR A 385 16.62 13.85 -6.96
C THR A 385 15.47 14.83 -7.20
N LEU A 386 14.47 14.85 -6.32
CA LEU A 386 13.38 15.80 -6.46
C LEU A 386 13.84 17.22 -6.16
N LEU A 387 14.66 17.39 -5.12
CA LEU A 387 15.11 18.73 -4.75
C LEU A 387 16.12 19.28 -5.75
N ASP A 388 16.94 18.43 -6.35
CA ASP A 388 17.85 18.86 -7.41
C ASP A 388 17.10 19.56 -8.54
N ALA A 389 15.95 19.01 -8.95
CA ALA A 389 15.13 19.65 -9.96
C ALA A 389 14.66 21.03 -9.50
N LYS A 390 14.41 21.20 -8.20
CA LYS A 390 14.05 22.51 -7.68
C LYS A 390 15.25 23.45 -7.62
N GLN A 391 16.45 22.90 -7.39
CA GLN A 391 17.65 23.73 -7.34
C GLN A 391 18.03 24.25 -8.73
N ASN A 392 18.13 23.35 -9.70
CA ASN A 392 18.45 23.77 -11.07
C ASN A 392 17.38 24.70 -11.64
N ASP A 393 16.11 24.49 -11.25
CA ASP A 393 15.05 25.38 -11.72
C ASP A 393 15.24 26.80 -11.23
N ILE A 394 15.74 26.96 -10.00
CA ILE A 394 16.02 28.29 -9.46
C ILE A 394 17.39 28.78 -9.90
N CYS A 395 18.31 27.88 -10.25
CA CYS A 395 19.65 28.30 -10.64
C CYS A 395 19.66 29.03 -11.98
N LYS A 396 18.82 28.61 -12.92
CA LYS A 396 18.73 29.29 -14.20
C LYS A 396 17.67 30.39 -14.22
N ARG A 397 16.66 30.29 -13.35
CA ARG A 397 15.64 31.34 -13.29
C ARG A 397 16.18 32.62 -12.69
N ASN A 398 17.22 32.52 -11.86
CA ASN A 398 17.94 33.71 -11.42
C ASN A 398 18.62 34.39 -12.60
N LEU A 399 19.22 33.58 -13.49
CA LEU A 399 19.93 34.10 -14.66
C LEU A 399 19.02 34.98 -15.52
N GLU A 400 17.85 34.46 -15.90
CA GLU A 400 16.97 35.21 -16.79
C GLU A 400 16.29 36.38 -16.11
N ALA A 401 16.30 36.44 -14.77
CA ALA A 401 15.91 37.66 -14.09
C ALA A 401 17.03 38.69 -14.08
N SER A 402 18.28 38.22 -14.13
CA SER A 402 19.43 39.12 -14.21
C SER A 402 19.59 39.66 -15.63
N SER A 403 19.49 38.80 -16.64
CA SER A 403 19.58 39.26 -18.03
C SER A 403 18.55 40.32 -18.33
N ASP A 404 17.28 40.05 -18.00
CA ASP A 404 16.21 40.99 -18.33
C ASP A 404 16.37 42.31 -17.59
N TYR A 405 16.95 42.28 -16.39
CA TYR A 405 17.25 43.52 -15.68
C TYR A 405 18.46 44.23 -16.27
N CYS A 406 19.55 43.48 -16.51
CA CYS A 406 20.76 44.09 -17.04
C CYS A 406 20.52 44.67 -18.44
N SER A 407 19.80 43.94 -19.30
CA SER A 407 19.44 44.47 -20.60
C SER A 407 18.62 45.75 -20.49
N ALA A 408 17.79 45.86 -19.45
CA ALA A 408 17.02 47.09 -19.25
C ALA A 408 17.92 48.27 -18.91
N LEU A 409 19.03 48.03 -18.20
CA LEU A 409 19.95 49.12 -17.90
C LEU A 409 20.72 49.57 -19.13
N LEU A 410 21.02 48.64 -20.05
CA LEU A 410 21.66 49.01 -21.30
C LEU A 410 20.80 49.92 -22.15
N LYS A 411 19.48 49.89 -21.96
CA LYS A 411 18.57 50.72 -22.74
C LYS A 411 18.32 52.09 -22.13
N ASP A 412 18.74 52.32 -20.88
CA ASP A 412 18.65 53.63 -20.27
C ASP A 412 20.01 54.31 -20.11
N ILE A 413 21.09 53.54 -20.12
CA ILE A 413 22.44 54.13 -20.05
C ILE A 413 22.99 54.38 -21.44
N PHE A 414 22.81 53.44 -22.36
CA PHE A 414 23.32 53.56 -23.72
C PHE A 414 22.26 54.07 -24.69
N GLY A 415 21.01 54.15 -24.27
CA GLY A 415 19.96 54.72 -25.08
C GLY A 415 20.25 56.12 -25.55
N PRO A 416 20.63 57.02 -24.64
CA PRO A 416 21.01 58.38 -25.07
C PRO A 416 22.18 58.41 -26.04
N LEU A 417 23.19 57.56 -25.82
CA LEU A 417 24.32 57.52 -26.75
C LEU A 417 23.88 57.01 -28.12
N GLU A 418 22.99 56.02 -28.13
CA GLU A 418 22.48 55.50 -29.40
C GLU A 418 21.72 56.58 -30.17
N GLU A 419 20.96 57.41 -29.45
CA GLU A 419 20.27 58.53 -30.10
C GLU A 419 21.28 59.54 -30.64
N ALA A 420 22.33 59.82 -29.88
CA ALA A 420 23.36 60.76 -30.32
C ALA A 420 23.97 60.33 -31.66
N VAL A 421 24.30 59.04 -31.78
CA VAL A 421 24.90 58.55 -33.02
C VAL A 421 23.93 58.73 -34.19
N LYS A 422 22.63 58.54 -33.94
CA LYS A 422 21.65 58.76 -35.00
C LYS A 422 21.56 60.24 -35.38
N GLN A 423 21.75 61.14 -34.42
CA GLN A 423 21.74 62.56 -34.74
C GLN A 423 22.98 62.97 -35.54
N GLY A 424 24.16 62.63 -35.04
CA GLY A 424 25.39 63.00 -35.71
C GLY A 424 26.40 63.66 -34.79
N ILE A 425 26.13 63.64 -33.48
CA ILE A 425 27.00 64.30 -32.51
C ILE A 425 28.43 63.80 -32.60
N TYR A 426 28.63 62.56 -33.03
CA TYR A 426 29.97 61.96 -33.09
C TYR A 426 30.48 61.84 -34.52
N SER A 427 29.96 62.64 -35.44
CA SER A 427 30.47 62.69 -36.81
C SER A 427 31.63 63.67 -36.93
N ASN A 433 39.04 59.49 -31.25
CA ASN A 433 37.60 59.65 -31.43
C ASN A 433 36.91 59.73 -30.07
N LEU A 434 36.13 60.79 -29.86
CA LEU A 434 35.46 61.01 -28.58
C LEU A 434 34.17 60.21 -28.43
N PHE A 435 33.78 59.44 -29.45
CA PHE A 435 32.71 58.47 -29.27
C PHE A 435 33.18 57.31 -28.40
N ILE A 436 34.41 56.84 -28.66
CA ILE A 436 34.98 55.76 -27.86
C ILE A 436 35.13 56.20 -26.41
N GLN A 437 35.48 57.47 -26.19
CA GLN A 437 35.64 57.97 -24.82
C GLN A 437 34.35 57.86 -24.03
N LYS A 438 33.22 58.20 -24.64
CA LYS A 438 31.95 58.18 -23.91
C LYS A 438 31.41 56.76 -23.76
N THR A 439 31.70 55.88 -24.71
CA THR A 439 31.35 54.46 -24.54
C THR A 439 32.07 53.88 -23.34
N GLU A 440 33.35 54.21 -23.18
CA GLU A 440 34.11 53.71 -22.03
C GLU A 440 33.57 54.27 -20.72
N GLU A 441 33.17 55.54 -20.72
CA GLU A 441 32.62 56.14 -19.51
C GLU A 441 31.24 55.58 -19.19
N LEU A 442 30.45 55.23 -20.21
CA LEU A 442 29.16 54.60 -19.97
C LEU A 442 29.30 53.13 -19.64
N LYS A 443 30.37 52.47 -20.09
CA LYS A 443 30.65 51.10 -19.67
C LYS A 443 30.97 51.04 -18.18
N ALA A 444 31.77 51.99 -17.68
CA ALA A 444 32.05 52.05 -16.25
C ALA A 444 30.79 52.46 -15.48
N LYS A 445 29.97 53.34 -16.06
CA LYS A 445 28.67 53.66 -15.49
C LYS A 445 27.84 52.40 -15.28
N TYR A 446 27.73 51.58 -16.32
CA TYR A 446 26.98 50.33 -16.22
C TYR A 446 27.61 49.38 -15.21
N TYR A 447 28.94 49.29 -15.20
CA TYR A 447 29.61 48.40 -14.26
C TYR A 447 29.38 48.84 -12.82
N ARG A 448 29.14 50.13 -12.60
CA ARG A 448 28.91 50.67 -11.27
C ARG A 448 27.46 50.49 -10.81
N GLU A 449 26.56 50.10 -11.72
CA GLU A 449 25.15 49.92 -11.40
C GLU A 449 25.03 48.81 -10.36
N PRO A 450 24.58 49.12 -9.15
CA PRO A 450 24.52 48.09 -8.12
C PRO A 450 23.45 47.05 -8.43
N ARG A 451 23.58 45.91 -7.76
CA ARG A 451 22.59 44.83 -7.79
C ARG A 451 22.43 44.22 -9.18
N LYS A 452 23.49 43.57 -9.68
CA LYS A 452 23.36 42.76 -10.88
C LYS A 452 24.06 41.40 -10.76
N GLY A 453 23.42 40.38 -11.31
CA GLY A 453 23.88 39.00 -11.23
C GLY A 453 25.01 38.70 -12.19
N ILE A 454 25.16 37.41 -12.50
CA ILE A 454 26.24 36.97 -13.39
C ILE A 454 26.04 37.41 -14.82
N GLN A 455 24.83 37.84 -15.18
CA GLN A 455 24.55 38.28 -16.53
C GLN A 455 25.11 39.65 -16.83
N ALA A 456 25.62 40.36 -15.81
CA ALA A 456 26.19 41.69 -16.01
C ALA A 456 27.14 41.72 -17.21
N GLU A 457 28.15 40.87 -17.17
CA GLU A 457 29.10 40.79 -18.28
C GLU A 457 28.42 40.32 -19.56
N GLU A 458 27.38 39.50 -19.43
CA GLU A 458 26.77 38.85 -20.59
C GLU A 458 26.10 39.86 -21.52
N VAL A 459 25.20 40.69 -20.99
CA VAL A 459 24.50 41.64 -21.83
C VAL A 459 25.46 42.66 -22.42
N LEU A 460 26.45 43.09 -21.62
CA LEU A 460 27.38 44.13 -22.09
C LEU A 460 28.23 43.63 -23.25
N GLN A 461 28.82 42.44 -23.12
CA GLN A 461 29.67 41.94 -24.18
C GLN A 461 28.88 41.63 -25.44
N LYS A 462 27.68 41.06 -25.28
CA LYS A 462 26.81 40.84 -26.44
C LYS A 462 26.38 42.17 -27.06
N TYR A 463 26.18 43.20 -26.23
CA TYR A 463 25.83 44.51 -26.76
C TYR A 463 27.01 45.17 -27.45
N LEU A 464 28.19 45.09 -26.85
CA LEU A 464 29.38 45.67 -27.48
C LEU A 464 29.70 44.94 -28.77
N LYS A 465 29.35 43.65 -28.87
CA LYS A 465 29.50 42.93 -30.13
C LYS A 465 28.41 43.29 -31.12
N SER A 466 27.19 43.54 -30.65
CA SER A 466 26.16 44.10 -31.51
C SER A 466 26.62 45.45 -32.07
N LYS A 467 27.29 46.25 -31.24
CA LYS A 467 27.70 47.61 -31.58
C LYS A 467 29.16 47.69 -32.01
N GLU A 468 29.77 46.57 -32.43
CA GLU A 468 31.15 46.60 -32.89
C GLU A 468 31.30 47.17 -34.30
N SER A 469 30.20 47.24 -35.06
CA SER A 469 30.26 47.77 -36.43
C SER A 469 29.96 49.26 -36.52
N VAL A 470 29.32 49.84 -35.51
CA VAL A 470 29.05 51.28 -35.54
C VAL A 470 30.31 52.09 -35.31
N SER A 471 31.24 51.59 -34.49
CA SER A 471 32.46 52.33 -34.17
C SER A 471 33.27 52.65 -35.43
N HIS A 472 33.44 51.65 -36.31
CA HIS A 472 34.22 51.88 -37.52
C HIS A 472 33.51 52.85 -38.48
N ALA A 473 32.19 52.73 -38.63
CA ALA A 473 31.49 53.57 -39.59
C ALA A 473 31.58 55.04 -39.22
N ILE A 474 31.45 55.38 -37.94
CA ILE A 474 31.62 56.77 -37.52
C ILE A 474 33.08 57.19 -37.68
N LEU A 475 34.01 56.27 -37.41
CA LEU A 475 35.42 56.53 -37.65
C LEU A 475 35.67 56.89 -39.11
N GLN A 476 35.05 56.13 -40.03
CA GLN A 476 35.12 56.47 -41.45
C GLN A 476 34.58 57.88 -41.70
N THR A 477 33.43 58.20 -41.11
CA THR A 477 32.82 59.52 -41.30
C THR A 477 33.71 60.63 -40.72
N ASP A 478 34.35 60.37 -39.59
CA ASP A 478 35.23 61.38 -38.99
C ASP A 478 36.42 61.68 -39.90
N GLN A 479 37.00 60.63 -40.51
CA GLN A 479 38.10 60.85 -41.46
C GLN A 479 37.63 61.68 -42.64
N ALA A 480 36.48 61.33 -43.22
CA ALA A 480 35.94 62.08 -44.34
C ALA A 480 35.69 63.53 -43.97
N LEU A 481 35.16 63.77 -42.77
CA LEU A 481 34.85 65.14 -42.36
C LEU A 481 36.11 65.94 -42.07
N THR A 482 37.16 65.29 -41.55
CA THR A 482 38.43 65.98 -41.34
C THR A 482 38.99 66.50 -42.65
N GLU A 483 38.80 65.75 -43.74
CA GLU A 483 39.37 66.14 -45.03
C GLU A 483 38.80 67.46 -45.51
N THR A 484 37.48 67.60 -45.47
CA THR A 484 36.83 68.82 -45.96
C THR A 484 36.27 69.65 -44.81
N ILE B 6 -5.56 -6.31 50.86
CA ILE B 6 -4.24 -6.31 50.28
C ILE B 6 -4.29 -6.78 48.83
N HIS B 7 -4.74 -8.01 48.60
CA HIS B 7 -4.94 -8.54 47.26
C HIS B 7 -6.44 -8.59 46.94
N MET B 8 -6.73 -9.02 45.71
CA MET B 8 -8.09 -9.04 45.19
C MET B 8 -8.67 -10.44 45.30
N SER B 9 -9.83 -10.56 45.96
CA SER B 9 -10.52 -11.85 45.98
C SER B 9 -11.14 -12.17 44.62
N ASP B 10 -11.56 -11.15 43.88
CA ASP B 10 -12.22 -11.31 42.59
C ASP B 10 -11.65 -10.29 41.61
N PRO B 11 -11.64 -10.60 40.32
CA PRO B 11 -11.14 -9.65 39.34
C PRO B 11 -12.11 -8.51 39.12
N MET B 12 -11.56 -7.40 38.63
CA MET B 12 -12.33 -6.21 38.31
C MET B 12 -11.99 -5.74 36.90
N CYS B 13 -12.89 -4.95 36.33
CA CYS B 13 -12.61 -4.33 35.05
C CYS B 13 -11.63 -3.18 35.22
N LEU B 14 -10.52 -3.24 34.48
CA LEU B 14 -9.51 -2.17 34.53
C LEU B 14 -9.76 -1.10 33.47
N ILE B 15 -10.01 -1.50 32.24
CA ILE B 15 -10.25 -0.57 31.14
C ILE B 15 -11.57 -0.93 30.47
N GLU B 16 -12.48 0.03 30.42
CA GLU B 16 -13.77 -0.12 29.75
C GLU B 16 -13.72 0.51 28.37
N ASN B 17 -14.68 0.11 27.53
CA ASN B 17 -14.96 0.83 26.29
C ASN B 17 -16.31 1.50 26.46
N PHE B 18 -16.30 2.68 27.08
CA PHE B 18 -17.52 3.45 27.30
C PHE B 18 -17.87 4.19 26.02
N ASN B 19 -19.06 3.93 25.49
CA ASN B 19 -19.41 4.35 24.14
C ASN B 19 -18.37 3.80 23.17
N GLU B 20 -17.45 4.66 22.73
CA GLU B 20 -16.30 4.22 21.97
C GLU B 20 -15.02 4.94 22.40
N GLN B 21 -14.97 5.36 23.66
CA GLN B 21 -13.77 5.93 24.25
C GLN B 21 -13.16 4.97 25.26
N LEU B 22 -11.87 5.12 25.49
CA LEU B 22 -11.15 4.31 26.46
C LEU B 22 -11.30 4.95 27.84
N LYS B 23 -11.80 4.18 28.80
CA LYS B 23 -12.10 4.68 30.13
C LYS B 23 -11.46 3.74 31.15
N VAL B 24 -10.77 4.32 32.13
CA VAL B 24 -10.11 3.55 33.18
C VAL B 24 -10.98 3.56 34.42
N ASN B 25 -11.04 2.43 35.12
CA ASN B 25 -11.86 2.29 36.32
C ASN B 25 -11.06 2.72 37.54
N GLN B 26 -11.51 3.79 38.20
CA GLN B 26 -10.75 4.37 39.30
C GLN B 26 -10.64 3.39 40.47
N GLU B 27 -11.69 2.60 40.71
CA GLU B 27 -11.65 1.64 41.81
C GLU B 27 -10.53 0.62 41.61
N ALA B 28 -10.36 0.12 40.39
CA ALA B 28 -9.27 -0.81 40.12
C ALA B 28 -7.92 -0.12 40.21
N LEU B 29 -7.82 1.13 39.73
CA LEU B 29 -6.57 1.87 39.84
C LEU B 29 -6.16 2.06 41.28
N GLU B 30 -7.13 2.39 42.15
CA GLU B 30 -6.82 2.64 43.55
C GLU B 30 -6.31 1.37 44.22
N ILE B 31 -6.98 0.24 43.98
CA ILE B 31 -6.49 -1.04 44.50
C ILE B 31 -5.11 -1.34 43.94
N LEU B 32 -4.92 -1.12 42.64
CA LEU B 32 -3.64 -1.44 42.01
C LEU B 32 -2.51 -0.61 42.60
N SER B 33 -2.69 0.71 42.69
CA SER B 33 -1.63 1.57 43.21
C SER B 33 -1.32 1.28 44.67
N ALA B 34 -2.22 0.60 45.38
CA ALA B 34 -1.95 0.20 46.76
C ALA B 34 -1.06 -1.03 46.85
N ILE B 35 -0.82 -1.72 45.73
CA ILE B 35 0.07 -2.89 45.73
C ILE B 35 1.50 -2.39 45.83
N THR B 36 2.16 -2.66 46.96
CA THR B 36 3.52 -2.19 47.19
C THR B 36 4.58 -3.18 46.70
N GLN B 37 4.22 -4.44 46.50
CA GLN B 37 5.17 -5.42 46.03
C GLN B 37 5.45 -5.24 44.54
N PRO B 38 6.60 -5.73 44.07
CA PRO B 38 6.81 -5.79 42.62
C PRO B 38 5.77 -6.69 41.97
N VAL B 39 5.40 -6.36 40.73
CA VAL B 39 4.29 -7.02 40.05
C VAL B 39 4.84 -7.82 38.87
N VAL B 40 4.39 -9.07 38.77
CA VAL B 40 4.60 -9.89 37.57
C VAL B 40 3.28 -9.87 36.80
N VAL B 41 3.30 -9.28 35.60
CA VAL B 41 2.09 -8.98 34.85
C VAL B 41 2.00 -9.95 33.69
N VAL B 42 0.91 -10.73 33.66
CA VAL B 42 0.65 -11.70 32.61
C VAL B 42 -0.65 -11.32 31.93
N ALA B 43 -0.60 -11.11 30.62
CA ALA B 43 -1.77 -10.75 29.82
C ALA B 43 -1.99 -11.79 28.75
N ILE B 44 -3.26 -12.01 28.41
CA ILE B 44 -3.64 -12.95 27.36
C ILE B 44 -4.37 -12.17 26.27
N VAL B 45 -4.11 -12.53 25.02
CA VAL B 45 -4.71 -11.87 23.87
C VAL B 45 -4.92 -12.92 22.79
N GLY B 46 -6.06 -12.82 22.10
CA GLY B 46 -6.33 -13.68 20.97
C GLY B 46 -7.71 -13.40 20.43
N LEU B 47 -8.05 -14.13 19.37
CA LEU B 47 -9.40 -14.02 18.81
C LEU B 47 -10.43 -14.39 19.86
N TYR B 48 -11.64 -13.87 19.70
CA TYR B 48 -12.68 -14.11 20.68
C TYR B 48 -13.18 -15.55 20.61
N ARG B 49 -13.79 -15.99 21.72
CA ARG B 49 -14.35 -17.33 21.86
C ARG B 49 -13.27 -18.40 21.66
N THR B 50 -12.12 -18.22 22.33
CA THR B 50 -11.03 -19.17 22.25
C THR B 50 -10.58 -19.64 23.64
N GLY B 51 -11.39 -19.43 24.66
CA GLY B 51 -11.08 -19.95 25.99
C GLY B 51 -9.98 -19.20 26.71
N LYS B 52 -9.91 -17.89 26.54
CA LYS B 52 -8.88 -17.10 27.23
C LYS B 52 -9.22 -16.91 28.70
N SER B 53 -10.46 -16.48 29.00
CA SER B 53 -10.84 -16.25 30.39
C SER B 53 -10.76 -17.54 31.19
N TYR B 54 -11.19 -18.66 30.61
CA TYR B 54 -11.09 -19.95 31.29
C TYR B 54 -9.65 -20.26 31.67
N LEU B 55 -8.72 -20.11 30.73
CA LEU B 55 -7.32 -20.43 30.99
C LEU B 55 -6.71 -19.51 32.03
N MET B 56 -7.10 -18.23 32.04
CA MET B 56 -6.53 -17.30 33.02
C MET B 56 -6.93 -17.65 34.44
N ASN B 57 -8.15 -18.15 34.63
CA ASN B 57 -8.57 -18.58 35.96
C ASN B 57 -7.67 -19.70 36.49
N LYS B 58 -7.09 -20.51 35.61
CA LYS B 58 -6.14 -21.52 36.05
C LYS B 58 -4.90 -20.88 36.66
N LEU B 59 -4.40 -19.79 36.06
CA LEU B 59 -3.23 -19.11 36.61
C LEU B 59 -3.52 -18.54 38.00
N ALA B 60 -4.77 -18.18 38.27
CA ALA B 60 -5.16 -17.75 39.60
C ALA B 60 -5.39 -18.91 40.57
N GLY B 61 -5.35 -20.15 40.09
CA GLY B 61 -5.57 -21.30 40.96
C GLY B 61 -6.98 -21.39 41.50
N LYS B 62 -7.96 -20.86 40.76
CA LYS B 62 -9.35 -20.85 41.20
C LYS B 62 -10.20 -21.50 40.11
N ASN B 63 -11.38 -21.97 40.50
CA ASN B 63 -12.26 -22.60 39.53
C ASN B 63 -13.09 -21.57 38.78
N LYS B 64 -13.44 -20.46 39.43
CA LYS B 64 -14.11 -19.36 38.78
C LYS B 64 -13.35 -18.06 39.08
N GLY B 65 -13.65 -17.05 38.29
CA GLY B 65 -12.95 -15.78 38.37
C GLY B 65 -13.33 -14.89 37.20
N PHE B 66 -12.47 -14.82 36.19
CA PHE B 66 -12.86 -14.14 34.95
C PHE B 66 -14.07 -14.84 34.34
N SER B 67 -15.07 -14.05 33.97
CA SER B 67 -16.34 -14.61 33.55
C SER B 67 -16.22 -15.36 32.22
N VAL B 68 -16.92 -16.48 32.12
CA VAL B 68 -16.87 -17.36 30.95
C VAL B 68 -18.28 -17.55 30.41
N ALA B 69 -18.40 -17.58 29.07
CA ALA B 69 -19.69 -17.78 28.41
C ALA B 69 -19.48 -18.66 27.19
N SER B 70 -20.59 -19.18 26.64
CA SER B 70 -20.53 -20.26 25.67
C SER B 70 -21.37 -20.05 24.42
N THR B 71 -21.95 -18.86 24.24
CA THR B 71 -22.69 -18.55 23.02
C THR B 71 -21.73 -18.03 21.95
N VAL B 72 -22.26 -17.77 20.75
CA VAL B 72 -21.45 -17.23 19.68
C VAL B 72 -21.07 -15.78 19.93
N GLN B 73 -21.77 -15.10 20.82
CA GLN B 73 -21.48 -13.70 21.11
C GLN B 73 -20.24 -13.57 21.99
N SER B 74 -19.51 -12.48 21.80
CA SER B 74 -18.37 -12.16 22.65
C SER B 74 -18.84 -11.93 24.09
N HIS B 75 -17.93 -12.16 25.04
CA HIS B 75 -18.27 -12.03 26.46
C HIS B 75 -17.37 -11.02 27.16
N THR B 76 -16.09 -11.32 27.36
CA THR B 76 -15.19 -10.36 27.98
C THR B 76 -15.11 -9.08 27.16
N LYS B 77 -15.28 -7.94 27.83
CA LYS B 77 -15.13 -6.64 27.22
C LYS B 77 -14.04 -5.86 27.93
N GLY B 78 -13.29 -5.07 27.18
CA GLY B 78 -12.22 -4.27 27.76
C GLY B 78 -11.07 -5.13 28.25
N ILE B 79 -10.45 -4.69 29.34
CA ILE B 79 -9.35 -5.39 29.97
C ILE B 79 -9.66 -5.53 31.46
N TRP B 80 -9.59 -6.75 31.97
CA TRP B 80 -9.86 -7.03 33.38
C TRP B 80 -8.56 -7.31 34.13
N ILE B 81 -8.58 -7.00 35.43
CA ILE B 81 -7.40 -7.04 36.27
C ILE B 81 -7.69 -7.92 37.48
N TRP B 82 -6.74 -8.79 37.81
CA TRP B 82 -6.85 -9.64 38.99
C TRP B 82 -5.47 -9.66 39.67
N CYS B 83 -5.35 -8.96 40.79
CA CYS B 83 -4.09 -8.91 41.53
C CYS B 83 -4.15 -9.97 42.63
N VAL B 84 -3.30 -10.99 42.50
CA VAL B 84 -3.27 -12.09 43.46
C VAL B 84 -1.83 -12.28 43.92
N PRO B 85 -1.63 -12.91 45.08
CA PRO B 85 -0.26 -13.23 45.50
C PRO B 85 0.37 -14.23 44.56
N HIS B 86 1.63 -14.01 44.24
CA HIS B 86 2.36 -14.97 43.43
C HIS B 86 2.46 -16.30 44.17
N PRO B 87 2.03 -17.41 43.57
CA PRO B 87 1.97 -18.68 44.32
C PRO B 87 3.33 -19.29 44.60
N ASN B 88 4.41 -18.75 44.04
CA ASN B 88 5.71 -19.39 44.13
C ASN B 88 6.76 -18.40 44.61
N TRP B 89 6.63 -17.14 44.20
CA TRP B 89 7.62 -16.12 44.48
C TRP B 89 7.16 -15.31 45.68
N PRO B 90 7.78 -15.45 46.84
CA PRO B 90 7.36 -14.67 48.01
C PRO B 90 7.58 -13.18 47.82
N ASN B 91 6.66 -12.39 48.37
CA ASN B 91 6.71 -10.93 48.33
C ASN B 91 6.60 -10.39 46.90
N HIS B 92 5.94 -11.14 46.03
CA HIS B 92 5.65 -10.69 44.68
C HIS B 92 4.15 -10.85 44.42
N THR B 93 3.62 -9.92 43.63
CA THR B 93 2.22 -9.94 43.25
C THR B 93 2.08 -10.35 41.80
N LEU B 94 1.19 -11.30 41.54
CA LEU B 94 0.89 -11.73 40.18
C LEU B 94 -0.28 -10.92 39.65
N VAL B 95 -0.07 -10.26 38.52
CA VAL B 95 -1.05 -9.36 37.93
C VAL B 95 -1.55 -10.00 36.65
N LEU B 96 -2.82 -10.39 36.64
CA LEU B 96 -3.43 -11.08 35.51
C LEU B 96 -4.32 -10.12 34.74
N LEU B 97 -4.13 -10.09 33.42
CA LEU B 97 -4.87 -9.21 32.53
C LEU B 97 -5.65 -10.05 31.52
N ASP B 98 -6.97 -10.04 31.62
CA ASP B 98 -7.85 -10.72 30.69
C ASP B 98 -8.42 -9.68 29.73
N THR B 99 -8.41 -10.00 28.44
CA THR B 99 -8.67 -9.00 27.42
C THR B 99 -9.87 -9.39 26.56
N GLU B 100 -10.56 -8.38 26.06
CA GLU B 100 -11.58 -8.57 25.05
C GLU B 100 -10.98 -9.22 23.81
N GLY B 101 -11.66 -10.23 23.28
CA GLY B 101 -11.13 -10.96 22.15
C GLY B 101 -11.26 -10.20 20.84
N LEU B 102 -10.34 -10.49 19.93
CA LEU B 102 -10.28 -9.81 18.65
C LEU B 102 -11.22 -10.49 17.65
N GLY B 103 -11.65 -9.71 16.66
CA GLY B 103 -12.45 -10.25 15.58
C GLY B 103 -13.93 -10.40 15.85
N ASP B 104 -14.47 -9.71 16.86
CA ASP B 104 -15.90 -9.76 17.13
C ASP B 104 -16.66 -9.17 15.95
N VAL B 105 -17.52 -9.97 15.34
CA VAL B 105 -18.22 -9.59 14.11
C VAL B 105 -19.44 -8.74 14.41
N GLU B 106 -19.62 -8.36 15.68
CA GLU B 106 -20.66 -7.41 16.06
C GLU B 106 -20.09 -6.07 16.51
N LYS B 107 -18.77 -5.93 16.57
CA LYS B 107 -18.12 -4.77 17.15
C LYS B 107 -17.84 -3.74 16.06
N ALA B 108 -18.48 -2.57 16.17
CA ALA B 108 -18.31 -1.53 15.16
C ALA B 108 -16.91 -0.93 15.20
N ASP B 109 -16.34 -0.77 16.39
CA ASP B 109 -15.03 -0.13 16.56
C ASP B 109 -13.92 -1.17 16.44
N ASN B 110 -13.71 -1.63 15.21
CA ASN B 110 -12.69 -2.64 14.94
C ASN B 110 -11.28 -2.16 15.30
N LYS B 111 -11.06 -0.84 15.30
CA LYS B 111 -9.74 -0.32 15.67
C LYS B 111 -9.44 -0.48 17.15
N ASN B 112 -10.48 -0.57 17.99
CA ASN B 112 -10.27 -0.82 19.42
C ASN B 112 -9.61 -2.17 19.67
N ASP B 113 -9.73 -3.11 18.74
CA ASP B 113 -8.99 -4.37 18.84
C ASP B 113 -7.50 -4.12 18.98
N ILE B 114 -6.94 -3.28 18.11
CA ILE B 114 -5.51 -3.00 18.14
C ILE B 114 -5.14 -2.26 19.41
N GLN B 115 -6.03 -1.39 19.90
CA GLN B 115 -5.76 -0.67 21.14
C GLN B 115 -5.61 -1.63 22.32
N ILE B 116 -6.52 -2.60 22.43
CA ILE B 116 -6.45 -3.57 23.52
C ILE B 116 -5.21 -4.45 23.35
N PHE B 117 -4.95 -4.91 22.12
CA PHE B 117 -3.73 -5.63 21.82
C PHE B 117 -2.49 -4.83 22.24
N ALA B 118 -2.43 -3.56 21.85
CA ALA B 118 -1.27 -2.73 22.18
C ALA B 118 -1.14 -2.55 23.69
N LEU B 119 -2.24 -2.28 24.38
CA LEU B 119 -2.19 -2.10 25.82
C LEU B 119 -1.69 -3.36 26.52
N ALA B 120 -2.08 -4.54 26.02
CA ALA B 120 -1.62 -5.79 26.60
C ALA B 120 -0.11 -5.95 26.45
N LEU B 121 0.45 -5.56 25.30
CA LEU B 121 1.90 -5.61 25.13
C LEU B 121 2.61 -4.62 26.05
N LEU B 122 2.03 -3.43 26.21
CA LEU B 122 2.71 -2.37 26.96
C LEU B 122 2.65 -2.59 28.46
N LEU B 123 1.60 -3.24 28.96
CA LEU B 123 1.41 -3.38 30.40
C LEU B 123 1.97 -4.68 30.97
N SER B 124 2.27 -5.66 30.13
CA SER B 124 2.61 -6.99 30.61
C SER B 124 4.13 -7.20 30.64
N SER B 125 4.54 -8.18 31.43
CA SER B 125 5.88 -8.74 31.36
C SER B 125 5.91 -10.10 30.68
N THR B 126 4.77 -10.81 30.65
CA THR B 126 4.61 -12.04 29.88
C THR B 126 3.34 -11.92 29.06
N PHE B 127 3.46 -12.14 27.74
CA PHE B 127 2.38 -11.97 26.79
C PHE B 127 1.95 -13.35 26.28
N VAL B 128 0.71 -13.72 26.54
CA VAL B 128 0.17 -15.02 26.15
C VAL B 128 -0.70 -14.81 24.91
N TYR B 129 -0.23 -15.34 23.78
CA TYR B 129 -0.92 -15.23 22.50
C TYR B 129 -1.70 -16.53 22.28
N ASN B 130 -3.03 -16.45 22.31
CA ASN B 130 -3.90 -17.62 22.37
C ASN B 130 -4.48 -17.90 20.99
N THR B 131 -4.10 -19.04 20.40
CA THR B 131 -4.59 -19.44 19.08
C THR B 131 -5.15 -20.85 19.13
N VAL B 132 -5.85 -21.23 18.07
CA VAL B 132 -6.58 -22.50 18.00
C VAL B 132 -6.03 -23.34 16.84
N ASN B 133 -5.84 -24.64 17.10
CA ASN B 133 -5.52 -25.66 16.10
C ASN B 133 -4.11 -25.55 15.54
N LYS B 134 -3.70 -24.35 15.13
CA LYS B 134 -2.48 -24.23 14.33
C LYS B 134 -2.00 -22.78 14.35
N ILE B 135 -0.77 -22.59 13.93
CA ILE B 135 -0.21 -21.26 13.70
C ILE B 135 -0.65 -20.78 12.32
N ASP B 136 -1.37 -19.66 12.29
CA ASP B 136 -1.85 -19.07 11.05
C ASP B 136 -1.02 -17.84 10.70
N GLN B 137 -0.85 -17.59 9.40
CA GLN B 137 -0.13 -16.41 8.96
C GLN B 137 -0.83 -15.14 9.41
N GLY B 138 -2.17 -15.15 9.45
CA GLY B 138 -2.89 -13.98 9.95
C GLY B 138 -2.54 -13.64 11.38
N ALA B 139 -2.34 -14.66 12.21
CA ALA B 139 -1.95 -14.41 13.59
C ALA B 139 -0.53 -13.85 13.66
N ILE B 140 0.35 -14.30 12.77
CA ILE B 140 1.71 -13.78 12.73
C ILE B 140 1.72 -12.33 12.25
N ASP B 141 0.96 -12.03 11.20
CA ASP B 141 0.95 -10.67 10.66
C ASP B 141 0.33 -9.69 11.65
N LEU B 142 -0.72 -10.10 12.36
CA LEU B 142 -1.34 -9.23 13.34
C LEU B 142 -0.36 -8.90 14.47
N LEU B 143 0.34 -9.92 14.98
CA LEU B 143 1.37 -9.67 15.98
C LEU B 143 2.44 -8.74 15.43
N HIS B 144 2.83 -8.95 14.16
CA HIS B 144 3.77 -8.06 13.50
C HIS B 144 3.25 -6.62 13.47
N ASN B 145 2.03 -6.43 12.96
CA ASN B 145 1.48 -5.10 12.81
C ASN B 145 1.37 -4.38 14.16
N VAL B 146 0.79 -5.03 15.16
CA VAL B 146 0.57 -4.36 16.44
C VAL B 146 1.88 -4.08 17.15
N THR B 147 2.87 -4.96 17.00
CA THR B 147 4.17 -4.71 17.61
C THR B 147 4.80 -3.45 17.06
N GLU B 148 4.77 -3.28 15.74
CA GLU B 148 5.32 -2.07 15.14
C GLU B 148 4.55 -0.83 15.59
N LEU B 149 3.22 -0.91 15.60
CA LEU B 149 2.43 0.22 16.08
C LEU B 149 2.71 0.52 17.54
N THR B 150 2.98 -0.53 18.34
CA THR B 150 3.27 -0.33 19.75
C THR B 150 4.62 0.35 19.95
N ASP B 151 5.64 -0.09 19.21
CA ASP B 151 6.96 0.54 19.31
C ASP B 151 6.91 1.99 18.87
N LEU B 152 6.12 2.29 17.85
CA LEU B 152 5.99 3.67 17.39
C LEU B 152 5.31 4.55 18.43
N LEU B 153 4.22 4.06 19.02
CA LEU B 153 3.57 4.80 20.10
C LEU B 153 4.49 4.99 21.29
N LYS B 154 5.26 3.95 21.64
CA LYS B 154 6.17 4.06 22.78
C LYS B 154 7.26 5.08 22.52
N ALA B 155 7.69 5.24 21.26
CA ALA B 155 8.71 6.23 20.95
C ALA B 155 8.15 7.64 21.04
N ARG B 156 6.86 7.82 20.75
CA ARG B 156 6.21 9.11 20.86
C ARG B 156 5.88 9.50 22.30
N ASN B 157 6.28 8.68 23.28
CA ASN B 157 6.03 8.96 24.69
C ASN B 157 7.27 8.71 25.54
N SER B 158 8.45 8.78 24.94
CA SER B 158 9.73 8.59 25.59
C SER B 158 10.43 9.93 25.78
N PRO B 159 11.41 10.02 26.70
CA PRO B 159 12.16 11.26 26.86
C PRO B 159 12.82 11.74 25.57
N ASP B 166 20.72 3.83 29.36
CA ASP B 166 21.18 4.37 28.08
C ASP B 166 21.21 3.34 26.93
N PRO B 167 21.87 2.19 27.11
CA PRO B 167 22.12 1.33 25.94
C PRO B 167 20.99 0.39 25.59
N ALA B 168 20.07 0.08 26.50
CA ALA B 168 19.01 -0.85 26.17
C ALA B 168 18.03 -0.25 25.17
N ASP B 169 17.80 -0.98 24.08
CA ASP B 169 16.81 -0.64 23.08
C ASP B 169 15.39 -0.83 23.62
N SER B 170 14.43 -0.22 22.93
CA SER B 170 13.03 -0.37 23.29
C SER B 170 12.61 -1.84 23.31
N ALA B 171 13.17 -2.64 22.39
CA ALA B 171 12.76 -4.04 22.28
C ALA B 171 13.07 -4.84 23.54
N SER B 172 14.09 -4.43 24.31
CA SER B 172 14.44 -5.14 25.52
C SER B 172 13.37 -5.08 26.60
N PHE B 173 12.37 -4.22 26.45
CA PHE B 173 11.31 -4.07 27.44
C PHE B 173 9.98 -4.67 27.01
N PHE B 174 9.88 -5.20 25.80
CA PHE B 174 8.69 -5.93 25.39
C PHE B 174 8.58 -7.22 26.22
N PRO B 175 7.36 -7.72 26.42
CA PRO B 175 7.19 -8.91 27.26
C PRO B 175 7.68 -10.18 26.55
N ASP B 176 7.90 -11.21 27.36
CA ASP B 176 8.19 -12.53 26.83
C ASP B 176 6.95 -13.11 26.16
N LEU B 177 7.17 -13.85 25.07
CA LEU B 177 6.08 -14.39 24.26
C LEU B 177 5.79 -15.83 24.65
N VAL B 178 4.52 -16.11 24.95
CA VAL B 178 4.04 -17.47 25.19
C VAL B 178 2.90 -17.71 24.20
N TRP B 179 3.12 -18.64 23.26
CA TRP B 179 2.16 -18.95 22.22
C TRP B 179 1.45 -20.25 22.59
N THR B 180 0.15 -20.17 22.85
CA THR B 180 -0.65 -21.33 23.21
C THR B 180 -1.44 -21.83 22.00
N LEU B 181 -1.50 -23.14 21.85
CA LEU B 181 -2.24 -23.79 20.77
C LEU B 181 -3.34 -24.64 21.39
N ARG B 182 -4.59 -24.18 21.28
CA ARG B 182 -5.73 -24.84 21.87
C ARG B 182 -6.33 -25.83 20.88
N ASP B 183 -7.00 -26.85 21.41
CA ASP B 183 -7.66 -27.88 20.61
C ASP B 183 -6.70 -28.46 19.57
N PHE B 184 -5.47 -28.74 20.01
CA PHE B 184 -4.43 -29.15 19.10
C PHE B 184 -4.56 -30.63 18.75
N CYS B 185 -4.59 -30.93 17.45
CA CYS B 185 -4.76 -32.31 16.97
C CYS B 185 -3.81 -32.70 15.85
N LEU B 186 -3.29 -31.76 15.07
CA LEU B 186 -2.45 -32.12 13.93
C LEU B 186 -1.14 -32.74 14.40
N GLY B 187 -0.56 -33.57 13.54
CA GLY B 187 0.70 -34.21 13.87
C GLY B 187 1.84 -33.21 13.89
N LEU B 188 2.62 -33.22 14.97
CA LEU B 188 3.82 -32.38 15.07
C LEU B 188 4.94 -33.06 14.29
N GLU B 189 4.84 -32.95 12.96
CA GLU B 189 5.79 -33.56 12.05
C GLU B 189 6.02 -32.63 10.88
N ILE B 190 7.28 -32.30 10.61
CA ILE B 190 7.66 -31.39 9.54
C ILE B 190 8.73 -32.06 8.69
N ASP B 191 8.42 -32.26 7.41
CA ASP B 191 9.36 -32.86 6.46
C ASP B 191 9.88 -34.21 6.95
N GLY B 192 8.97 -35.03 7.47
CA GLY B 192 9.33 -36.35 7.92
C GLY B 192 9.91 -36.45 9.30
N GLN B 193 10.12 -35.32 9.98
CA GLN B 193 10.75 -35.31 11.29
C GLN B 193 9.74 -34.88 12.34
N LEU B 194 9.67 -35.61 13.45
CA LEU B 194 8.83 -35.18 14.56
C LEU B 194 9.46 -33.96 15.24
N VAL B 195 8.60 -33.00 15.57
CA VAL B 195 9.05 -31.75 16.17
C VAL B 195 8.29 -31.49 17.47
N THR B 196 8.94 -30.80 18.39
CA THR B 196 8.28 -30.31 19.59
C THR B 196 7.45 -29.07 19.26
N PRO B 197 6.52 -28.70 20.14
CA PRO B 197 5.79 -27.43 19.92
C PRO B 197 6.71 -26.23 19.77
N ASP B 198 7.81 -26.18 20.53
CA ASP B 198 8.74 -25.07 20.38
C ASP B 198 9.40 -25.07 19.01
N GLU B 199 9.80 -26.25 18.52
CA GLU B 199 10.37 -26.33 17.18
C GLU B 199 9.34 -26.02 16.11
N TYR B 200 8.07 -26.34 16.37
CA TYR B 200 7.01 -25.97 15.44
C TYR B 200 6.87 -24.45 15.37
N LEU B 201 6.91 -23.78 16.53
CA LEU B 201 6.87 -22.32 16.56
C LEU B 201 8.07 -21.73 15.84
N GLU B 202 9.28 -22.26 16.10
CA GLU B 202 10.47 -21.74 15.46
C GLU B 202 10.42 -21.92 13.95
N ASN B 203 9.98 -23.09 13.48
CA ASN B 203 9.86 -23.33 12.05
C ASN B 203 8.88 -22.34 11.41
N SER B 204 7.79 -22.02 12.11
CA SER B 204 6.82 -21.09 11.57
C SER B 204 7.34 -19.66 11.53
N LEU B 205 8.22 -19.30 12.46
CA LEU B 205 8.72 -17.94 12.59
C LEU B 205 10.11 -17.75 12.01
N ARG B 206 10.69 -18.79 11.42
CA ARG B 206 12.07 -18.73 10.96
C ARG B 206 12.14 -17.91 9.68
N PRO B 207 12.92 -16.84 9.63
CA PRO B 207 13.11 -16.14 8.35
C PRO B 207 13.80 -17.07 7.36
N LYS B 208 13.34 -17.02 6.12
CA LYS B 208 13.99 -17.80 5.08
C LYS B 208 15.36 -17.19 4.79
N GLN B 209 16.32 -18.02 4.48
CA GLN B 209 17.65 -17.54 4.24
C GLN B 209 17.78 -16.79 2.97
N GLY B 210 18.70 -15.83 2.98
CA GLY B 210 18.97 -15.03 1.81
C GLY B 210 18.55 -13.59 1.81
N SER B 211 18.68 -12.96 0.65
CA SER B 211 18.38 -11.56 0.48
C SER B 211 17.49 -11.12 -0.68
N ASP B 212 16.92 -12.07 -1.40
CA ASP B 212 16.13 -11.81 -2.62
C ASP B 212 14.75 -11.22 -2.48
N GLN B 213 14.16 -10.77 -3.56
CA GLN B 213 12.82 -10.18 -3.44
C GLN B 213 11.79 -11.24 -3.09
N ARG B 214 12.00 -12.47 -3.58
CA ARG B 214 11.12 -13.61 -3.31
C ARG B 214 10.95 -13.88 -1.82
N VAL B 215 11.78 -13.30 -0.98
CA VAL B 215 11.80 -13.61 0.45
C VAL B 215 11.40 -12.41 1.31
N GLN B 216 11.42 -11.19 0.78
CA GLN B 216 11.27 -9.99 1.60
C GLN B 216 9.97 -9.99 2.38
N ASN B 217 8.85 -10.21 1.69
CA ASN B 217 7.54 -10.17 2.36
C ASN B 217 7.43 -11.23 3.44
N PHE B 218 7.90 -12.45 3.17
CA PHE B 218 7.86 -13.51 4.17
C PHE B 218 8.68 -13.14 5.41
N ASN B 219 9.86 -12.58 5.21
CA ASN B 219 10.77 -12.32 6.32
C ASN B 219 10.47 -11.04 7.07
N LEU B 220 9.65 -10.14 6.52
CA LEU B 220 9.37 -8.87 7.19
C LEU B 220 8.73 -9.07 8.57
N PRO B 221 7.61 -9.78 8.71
CA PRO B 221 7.06 -9.98 10.06
C PRO B 221 7.95 -10.81 10.96
N ARG B 222 8.70 -11.77 10.39
CA ARG B 222 9.52 -12.65 11.20
C ARG B 222 10.76 -11.93 11.71
N LEU B 223 11.36 -11.06 10.90
CA LEU B 223 12.46 -10.23 11.40
C LEU B 223 12.00 -9.32 12.53
N CYS B 224 10.76 -8.84 12.46
CA CYS B 224 10.21 -8.02 13.53
C CYS B 224 10.02 -8.83 14.81
N ILE B 225 9.35 -9.99 14.69
CA ILE B 225 9.06 -10.80 15.87
C ILE B 225 10.35 -11.31 16.50
N GLN B 226 11.31 -11.70 15.66
CA GLN B 226 12.63 -12.09 16.16
C GLN B 226 13.27 -10.95 16.94
N LYS B 227 13.07 -9.72 16.50
CA LYS B 227 13.69 -8.57 17.14
C LYS B 227 13.02 -8.24 18.47
N PHE B 228 11.69 -8.23 18.50
CA PHE B 228 10.96 -7.77 19.67
C PHE B 228 10.61 -8.88 20.65
N PHE B 229 10.69 -10.14 20.25
CA PHE B 229 10.39 -11.28 21.12
C PHE B 229 11.49 -12.31 21.00
N PRO B 230 12.67 -12.04 21.59
CA PRO B 230 13.75 -13.04 21.53
C PRO B 230 13.42 -14.30 22.32
N LYS B 231 12.80 -14.16 23.48
CA LYS B 231 12.44 -15.31 24.32
C LYS B 231 11.03 -15.75 23.97
N LYS B 232 10.89 -16.93 23.36
CA LYS B 232 9.60 -17.48 22.98
C LYS B 232 9.37 -18.82 23.67
N LYS B 233 8.10 -19.16 23.85
CA LYS B 233 7.71 -20.45 24.40
C LYS B 233 6.38 -20.84 23.79
N CYS B 234 6.26 -22.11 23.40
CA CYS B 234 5.05 -22.62 22.78
C CYS B 234 4.49 -23.78 23.61
N PHE B 235 3.17 -23.79 23.76
CA PHE B 235 2.46 -24.83 24.50
C PHE B 235 1.29 -25.33 23.68
N ILE B 236 1.04 -26.64 23.75
CA ILE B 236 -0.11 -27.25 23.10
C ILE B 236 -1.10 -27.65 24.17
N PHE B 237 -2.38 -27.62 23.81
CA PHE B 237 -3.46 -28.04 24.70
C PHE B 237 -4.41 -28.93 23.90
N ASP B 238 -4.65 -30.14 24.40
CA ASP B 238 -5.65 -31.00 23.80
C ASP B 238 -7.04 -30.38 23.95
N LEU B 239 -7.97 -30.87 23.16
CA LEU B 239 -9.38 -30.62 23.42
C LEU B 239 -9.71 -31.05 24.85
N PRO B 240 -10.32 -30.18 25.66
CA PRO B 240 -10.44 -30.49 27.10
C PRO B 240 -11.50 -31.54 27.40
N ALA B 241 -12.53 -31.64 26.56
CA ALA B 241 -13.61 -32.58 26.79
C ALA B 241 -14.41 -32.73 25.50
N HIS B 242 -15.37 -33.66 25.52
CA HIS B 242 -16.31 -33.80 24.42
C HIS B 242 -17.08 -32.49 24.23
N GLN B 243 -17.36 -32.14 22.97
CA GLN B 243 -17.88 -30.81 22.68
C GLN B 243 -19.23 -30.56 23.36
N LYS B 244 -19.98 -31.62 23.68
CA LYS B 244 -21.25 -31.44 24.36
C LYS B 244 -21.06 -30.99 25.80
N LYS B 245 -19.82 -31.04 26.29
CA LYS B 245 -19.48 -30.67 27.65
C LYS B 245 -18.64 -29.40 27.71
N LEU B 246 -18.34 -28.76 26.58
CA LEU B 246 -17.52 -27.56 26.61
C LEU B 246 -18.24 -26.42 27.31
N ALA B 247 -19.54 -26.28 27.06
CA ALA B 247 -20.34 -25.41 27.91
C ALA B 247 -20.33 -26.00 29.31
N GLN B 248 -20.25 -25.14 30.32
CA GLN B 248 -20.13 -25.55 31.72
C GLN B 248 -18.80 -26.27 31.99
N LEU B 249 -17.79 -26.04 31.14
CA LEU B 249 -16.48 -26.68 31.35
C LEU B 249 -15.92 -26.37 32.73
N GLU B 250 -16.04 -25.11 33.16
CA GLU B 250 -15.48 -24.69 34.44
C GLU B 250 -16.22 -25.28 35.63
N THR B 251 -17.37 -25.93 35.40
CA THR B 251 -18.08 -26.61 36.47
C THR B 251 -17.57 -28.03 36.69
N LEU B 252 -16.81 -28.57 35.73
CA LEU B 252 -16.37 -29.95 35.85
C LEU B 252 -15.09 -30.03 36.67
N PRO B 253 -14.96 -31.05 37.51
CA PRO B 253 -13.68 -31.28 38.20
C PRO B 253 -12.64 -31.82 37.22
N ASP B 254 -11.39 -31.83 37.69
CA ASP B 254 -10.29 -32.24 36.83
C ASP B 254 -10.44 -33.67 36.34
N ASP B 255 -11.10 -34.52 37.11
CA ASP B 255 -11.24 -35.93 36.73
C ASP B 255 -12.32 -36.16 35.69
N GLU B 256 -13.10 -35.14 35.34
CA GLU B 256 -14.05 -35.21 34.24
C GLU B 256 -13.50 -34.62 32.94
N LEU B 257 -12.35 -33.96 32.99
CA LEU B 257 -11.67 -33.45 31.81
C LEU B 257 -10.66 -34.47 31.29
N GLU B 258 -10.16 -34.22 30.08
CA GLU B 258 -9.13 -35.07 29.52
C GLU B 258 -7.86 -34.99 30.38
N PRO B 259 -7.29 -36.13 30.77
CA PRO B 259 -6.10 -36.08 31.64
C PRO B 259 -4.93 -35.34 30.99
N GLU B 260 -4.76 -35.46 29.68
CA GLU B 260 -3.67 -34.74 29.01
C GLU B 260 -3.89 -33.24 29.08
N PHE B 261 -5.15 -32.79 29.01
CA PHE B 261 -5.43 -31.37 29.13
C PHE B 261 -5.12 -30.85 30.54
N VAL B 262 -5.49 -31.61 31.56
CA VAL B 262 -5.21 -31.21 32.94
C VAL B 262 -3.71 -31.06 33.16
N GLN B 263 -2.93 -32.03 32.67
CA GLN B 263 -1.48 -31.94 32.80
C GLN B 263 -0.94 -30.78 31.97
N GLN B 264 -1.50 -30.56 30.78
CA GLN B 264 -1.03 -29.47 29.93
C GLN B 264 -1.29 -28.11 30.58
N VAL B 265 -2.44 -27.96 31.24
CA VAL B 265 -2.71 -26.72 31.97
C VAL B 265 -1.75 -26.55 33.13
N THR B 266 -1.43 -27.65 33.82
CA THR B 266 -0.49 -27.58 34.94
C THR B 266 0.90 -27.20 34.46
N GLU B 267 1.35 -27.79 33.34
CA GLU B 267 2.67 -27.45 32.81
C GLU B 267 2.73 -26.00 32.37
N PHE B 268 1.65 -25.48 31.80
CA PHE B 268 1.60 -24.08 31.40
C PHE B 268 1.68 -23.16 32.61
N CYS B 269 0.89 -23.45 33.65
CA CYS B 269 0.89 -22.62 34.85
C CYS B 269 2.26 -22.68 35.53
N SER B 270 2.88 -23.86 35.57
CA SER B 270 4.17 -24.00 36.22
C SER B 270 5.24 -23.18 35.52
N TYR B 271 5.18 -23.11 34.18
CA TYR B 271 6.13 -22.29 33.44
C TYR B 271 5.94 -20.81 33.76
N ILE B 272 4.69 -20.34 33.74
CA ILE B 272 4.41 -18.94 34.08
C ILE B 272 4.93 -18.61 35.46
N PHE B 273 4.60 -19.45 36.45
CA PHE B 273 4.99 -19.17 37.83
C PHE B 273 6.51 -19.15 37.98
N SER B 274 7.22 -19.95 37.18
CA SER B 274 8.66 -20.09 37.34
C SER B 274 9.49 -19.18 36.43
N HIS B 275 8.94 -18.70 35.31
CA HIS B 275 9.73 -17.94 34.35
C HIS B 275 9.32 -16.49 34.13
N SER B 276 8.07 -16.13 34.43
CA SER B 276 7.66 -14.75 34.23
C SER B 276 8.40 -13.83 35.20
N MET B 277 8.82 -12.68 34.70
CA MET B 277 9.65 -11.76 35.46
C MET B 277 8.86 -10.54 35.90
N THR B 278 9.35 -9.88 36.95
CA THR B 278 8.82 -8.58 37.33
C THR B 278 8.96 -7.61 36.18
N LYS B 279 7.89 -6.87 35.90
CA LYS B 279 7.94 -5.89 34.83
C LYS B 279 8.93 -4.78 35.17
N THR B 280 9.70 -4.36 34.17
CA THR B 280 10.75 -3.37 34.34
C THR B 280 10.50 -2.18 33.42
N LEU B 281 11.19 -1.08 33.74
CA LEU B 281 11.16 0.14 32.95
C LEU B 281 12.59 0.62 32.77
N PRO B 282 12.85 1.48 31.79
CA PRO B 282 14.21 2.00 31.59
C PRO B 282 14.78 2.60 32.88
N GLY B 283 16.06 2.37 33.10
CA GLY B 283 16.74 2.84 34.28
C GLY B 283 16.79 1.87 35.44
N GLY B 284 16.67 0.57 35.17
CA GLY B 284 16.70 -0.42 36.24
C GLY B 284 15.59 -0.27 37.27
N ILE B 285 14.40 0.07 36.83
CA ILE B 285 13.27 0.31 37.71
C ILE B 285 12.38 -0.92 37.73
N MET B 286 12.10 -1.44 38.93
CA MET B 286 11.16 -2.53 39.10
C MET B 286 9.76 -1.95 39.30
N VAL B 287 8.82 -2.41 38.49
CA VAL B 287 7.47 -1.86 38.50
C VAL B 287 6.70 -2.44 39.68
N ASN B 288 6.02 -1.57 40.42
CA ASN B 288 5.09 -1.96 41.46
C ASN B 288 3.69 -1.53 41.04
N GLY B 289 2.74 -1.60 41.97
CA GLY B 289 1.37 -1.25 41.64
C GLY B 289 1.21 0.20 41.22
N SER B 290 1.85 1.11 41.96
CA SER B 290 1.75 2.53 41.65
C SER B 290 2.35 2.84 40.28
N ARG B 291 3.55 2.31 40.00
CA ARG B 291 4.17 2.54 38.71
C ARG B 291 3.37 1.90 37.58
N LEU B 292 2.71 0.78 37.84
CA LEU B 292 1.82 0.19 36.84
C LEU B 292 0.61 1.08 36.58
N LYS B 293 0.07 1.69 37.64
CA LYS B 293 -1.00 2.66 37.47
C LYS B 293 -0.56 3.81 36.57
N ASN B 294 0.67 4.28 36.74
CA ASN B 294 1.18 5.34 35.88
C ASN B 294 1.31 4.87 34.43
N LEU B 295 1.70 3.61 34.23
CA LEU B 295 1.76 3.07 32.88
C LEU B 295 0.37 3.00 32.26
N VAL B 296 -0.63 2.56 33.03
CA VAL B 296 -2.00 2.50 32.53
C VAL B 296 -2.47 3.88 32.09
N LEU B 297 -2.33 4.87 32.97
CA LEU B 297 -2.79 6.22 32.65
C LEU B 297 -2.01 6.82 31.48
N THR B 298 -0.69 6.60 31.46
CA THR B 298 0.13 7.16 30.39
C THR B 298 -0.31 6.66 29.02
N TYR B 299 -0.43 5.34 28.87
CA TYR B 299 -0.68 4.77 27.55
C TYR B 299 -2.13 4.94 27.12
N VAL B 300 -3.08 4.89 28.06
CA VAL B 300 -4.48 5.13 27.69
C VAL B 300 -4.64 6.57 27.18
N ASN B 301 -3.97 7.52 27.83
CA ASN B 301 -4.02 8.90 27.36
C ASN B 301 -3.35 9.05 26.01
N ALA B 302 -2.19 8.41 25.83
CA ALA B 302 -1.50 8.47 24.54
C ALA B 302 -2.38 7.94 23.42
N ILE B 303 -3.11 6.85 23.68
CA ILE B 303 -4.01 6.30 22.67
C ILE B 303 -5.18 7.26 22.43
N SER B 304 -5.72 7.83 23.51
CA SER B 304 -6.86 8.75 23.38
C SER B 304 -6.48 10.05 22.68
N SER B 305 -5.19 10.41 22.66
CA SER B 305 -4.75 11.62 21.99
C SER B 305 -4.15 11.35 20.61
N GLY B 306 -4.26 10.11 20.12
CA GLY B 306 -3.89 9.80 18.76
C GLY B 306 -2.49 9.28 18.55
N ASP B 307 -1.75 8.94 19.61
CA ASP B 307 -0.37 8.51 19.44
C ASP B 307 -0.24 7.13 18.81
N LEU B 308 -1.33 6.38 18.66
CA LEU B 308 -1.29 5.08 18.04
C LEU B 308 -1.77 5.22 16.61
N PRO B 309 -0.92 4.99 15.60
CA PRO B 309 -1.35 5.23 14.22
C PRO B 309 -2.54 4.37 13.84
N CYS B 310 -3.31 4.86 12.87
CA CYS B 310 -4.50 4.17 12.39
C CYS B 310 -4.39 4.02 10.88
N ILE B 311 -4.48 2.79 10.41
CA ILE B 311 -4.45 2.48 8.98
C ILE B 311 -5.88 2.34 8.47
N GLU B 312 -6.19 3.00 7.36
CA GLU B 312 -7.54 2.92 6.84
C GLU B 312 -7.79 1.52 6.26
N ASN B 313 -9.06 1.24 5.96
CA ASN B 313 -9.43 -0.07 5.46
C ASN B 313 -8.62 -0.43 4.22
N ALA B 314 -8.28 -1.72 4.12
CA ALA B 314 -7.33 -2.18 3.11
C ALA B 314 -7.84 -1.98 1.69
N VAL B 315 -9.16 -2.04 1.47
CA VAL B 315 -9.66 -1.82 0.12
C VAL B 315 -9.43 -0.37 -0.30
N LEU B 316 -9.50 0.56 0.64
CA LEU B 316 -9.25 1.96 0.32
C LEU B 316 -7.77 2.21 0.05
N ALA B 317 -6.90 1.56 0.84
CA ALA B 317 -5.46 1.68 0.62
C ALA B 317 -5.06 1.06 -0.71
N LEU B 318 -5.65 -0.07 -1.07
CA LEU B 318 -5.32 -0.71 -2.34
C LEU B 318 -5.82 0.12 -3.52
N ALA B 319 -7.00 0.74 -3.37
CA ALA B 319 -7.51 1.63 -4.41
C ALA B 319 -6.55 2.79 -4.66
N GLN B 320 -5.97 3.33 -3.58
CA GLN B 320 -5.03 4.44 -3.72
C GLN B 320 -3.74 4.00 -4.39
N ARG B 321 -3.26 2.80 -4.07
CA ARG B 321 -2.05 2.29 -4.71
C ARG B 321 -2.26 2.06 -6.20
N GLU B 322 -3.44 1.57 -6.58
CA GLU B 322 -3.71 1.28 -7.99
C GLU B 322 -3.98 2.56 -8.77
N ASN B 323 -4.63 3.54 -8.15
CA ASN B 323 -4.84 4.83 -8.80
C ASN B 323 -3.53 5.58 -8.99
N SER B 324 -2.63 5.49 -8.00
CA SER B 324 -1.31 6.10 -8.14
C SER B 324 -0.53 5.44 -9.27
N ALA B 325 -0.62 4.12 -9.38
CA ALA B 325 -0.02 3.42 -10.51
C ALA B 325 -0.67 3.84 -11.83
N ALA B 326 -1.97 4.11 -11.80
CA ALA B 326 -2.68 4.47 -13.02
C ALA B 326 -2.24 5.84 -13.53
N VAL B 327 -1.96 6.76 -12.61
CA VAL B 327 -1.49 8.08 -13.01
C VAL B 327 -0.09 7.98 -13.64
N GLN B 328 0.77 7.13 -13.09
CA GLN B 328 2.09 6.96 -13.67
C GLN B 328 2.04 6.30 -15.04
N LYS B 329 1.13 5.34 -15.24
CA LYS B 329 0.94 4.80 -16.59
C LYS B 329 0.33 5.83 -17.52
N ALA B 330 -0.48 6.75 -16.99
CA ALA B 330 -1.09 7.76 -17.84
C ALA B 330 -0.06 8.76 -18.34
N ILE B 331 0.81 9.26 -17.46
CA ILE B 331 1.84 10.19 -17.91
C ILE B 331 2.91 9.48 -18.73
N ALA B 332 3.07 8.17 -18.54
CA ALA B 332 4.01 7.42 -19.37
C ALA B 332 3.49 7.28 -20.80
N HIS B 333 2.17 7.24 -20.94
CA HIS B 333 1.57 7.11 -22.27
C HIS B 333 1.45 8.45 -22.96
N TYR B 334 1.32 9.53 -22.19
CA TYR B 334 1.33 10.87 -22.78
C TYR B 334 2.74 11.32 -23.14
N ASP B 335 3.75 10.73 -22.51
CA ASP B 335 5.13 11.10 -22.82
C ASP B 335 5.63 10.37 -24.05
N GLN B 336 5.21 9.12 -24.25
CA GLN B 336 5.59 8.43 -25.48
C GLN B 336 4.71 8.83 -26.65
N GLN B 337 3.52 9.39 -26.38
CA GLN B 337 2.64 9.86 -27.45
C GLN B 337 3.09 11.19 -28.00
N MET B 338 3.99 11.89 -27.32
CA MET B 338 4.58 13.11 -27.86
C MET B 338 5.77 12.81 -28.74
N GLY B 339 5.65 11.75 -29.54
CA GLY B 339 6.61 11.44 -30.58
C GLY B 339 5.97 11.83 -31.89
N GLN B 340 4.67 12.14 -31.81
CA GLN B 340 3.96 12.76 -32.94
C GLN B 340 4.51 14.15 -33.22
N LYS B 341 5.03 14.82 -32.20
CA LYS B 341 5.72 16.09 -32.37
C LYS B 341 7.10 15.80 -32.92
N VAL B 342 7.21 15.76 -34.25
CA VAL B 342 8.47 15.53 -34.93
C VAL B 342 9.38 16.74 -34.92
N GLN B 343 9.00 17.80 -34.21
CA GLN B 343 9.79 19.03 -34.20
C GLN B 343 9.35 19.94 -33.05
N LEU B 344 10.29 20.28 -32.18
CA LEU B 344 10.03 21.30 -31.17
C LEU B 344 9.86 22.68 -31.82
N PRO B 345 10.55 22.98 -32.94
CA PRO B 345 10.13 24.17 -33.71
C PRO B 345 8.92 23.86 -34.60
N MET B 346 7.76 23.79 -33.97
CA MET B 346 6.51 23.54 -34.69
C MET B 346 6.13 24.77 -35.49
N GLU B 347 5.39 24.55 -36.58
CA GLU B 347 5.05 25.67 -37.46
C GLU B 347 4.08 26.62 -36.78
N THR B 348 3.00 26.08 -36.23
CA THR B 348 1.99 26.86 -35.53
C THR B 348 1.94 26.45 -34.07
N LEU B 349 1.37 27.33 -33.25
CA LEU B 349 1.24 27.04 -31.83
C LEU B 349 -0.02 26.23 -31.55
N GLN B 350 -1.06 26.39 -32.38
CA GLN B 350 -2.29 25.65 -32.17
C GLN B 350 -2.13 24.18 -32.53
N GLU B 351 -1.20 23.84 -33.42
CA GLU B 351 -0.95 22.42 -33.67
C GLU B 351 -0.30 21.76 -32.47
N LEU B 352 0.56 22.48 -31.75
CA LEU B 352 1.10 21.99 -30.50
C LEU B 352 -0.01 21.77 -29.47
N LEU B 353 -0.90 22.75 -29.32
CA LEU B 353 -1.99 22.63 -28.36
C LEU B 353 -2.94 21.48 -28.74
N ASP B 354 -3.23 21.31 -30.04
CA ASP B 354 -4.12 20.23 -30.43
C ASP B 354 -3.48 18.86 -30.20
N LEU B 355 -2.17 18.74 -30.45
CA LEU B 355 -1.51 17.47 -30.20
C LEU B 355 -1.42 17.16 -28.72
N HIS B 356 -1.27 18.19 -27.88
CA HIS B 356 -1.33 17.97 -26.43
C HIS B 356 -2.74 17.52 -26.01
N ALA B 357 -3.77 18.11 -26.61
CA ALA B 357 -5.14 17.77 -26.25
C ALA B 357 -5.46 16.32 -26.60
N THR B 358 -5.08 15.89 -27.81
CA THR B 358 -5.32 14.49 -28.20
C THR B 358 -4.50 13.54 -27.34
N SER B 359 -3.29 13.94 -26.95
CA SER B 359 -2.47 13.07 -26.09
C SER B 359 -3.00 13.07 -24.67
N GLU B 360 -3.37 14.24 -24.15
CA GLU B 360 -4.00 14.31 -22.83
C GLU B 360 -5.29 13.50 -22.79
N ARG B 361 -6.09 13.60 -23.85
CA ARG B 361 -7.34 12.86 -23.94
C ARG B 361 -7.09 11.36 -24.01
N GLU B 362 -6.01 10.96 -24.68
CA GLU B 362 -5.67 9.54 -24.78
C GLU B 362 -5.10 9.03 -23.46
N ALA B 363 -4.33 9.87 -22.77
CA ALA B 363 -3.73 9.48 -21.50
C ALA B 363 -4.78 9.35 -20.40
N ILE B 364 -5.82 10.18 -20.42
CA ILE B 364 -6.90 10.03 -19.46
C ILE B 364 -7.61 8.71 -19.65
N GLU B 365 -7.74 8.24 -20.90
CA GLU B 365 -8.43 6.98 -21.14
C GLU B 365 -7.63 5.80 -20.58
N VAL B 366 -6.31 5.84 -20.71
CA VAL B 366 -5.51 4.76 -20.14
C VAL B 366 -5.54 4.81 -18.62
N PHE B 367 -5.71 6.02 -18.05
CA PHE B 367 -5.84 6.12 -16.60
C PHE B 367 -7.11 5.42 -16.13
N MET B 368 -8.26 5.77 -16.74
CA MET B 368 -9.51 5.11 -16.42
C MET B 368 -9.41 3.60 -16.60
N LYS B 369 -8.71 3.16 -17.63
CA LYS B 369 -8.53 1.73 -17.88
C LYS B 369 -7.83 1.03 -16.71
N ASN B 370 -6.93 1.73 -16.03
CA ASN B 370 -6.11 1.13 -14.97
C ASN B 370 -6.51 1.61 -13.58
N SER B 371 -7.59 2.37 -13.47
CA SER B 371 -8.01 2.93 -12.19
C SER B 371 -8.95 1.98 -11.46
N PHE B 372 -9.12 2.22 -10.16
CA PHE B 372 -9.98 1.38 -9.33
C PHE B 372 -10.50 2.22 -8.18
N LYS B 373 -11.80 2.53 -8.22
CA LYS B 373 -12.50 3.25 -7.15
C LYS B 373 -11.80 4.54 -6.78
N ASP B 374 -11.49 5.36 -7.79
CA ASP B 374 -10.89 6.67 -7.55
C ASP B 374 -11.95 7.60 -6.98
N VAL B 375 -12.12 7.57 -5.66
CA VAL B 375 -13.15 8.37 -5.01
C VAL B 375 -12.79 9.85 -5.13
N ASP B 376 -13.82 10.67 -5.37
CA ASP B 376 -13.72 12.13 -5.53
C ASP B 376 -12.86 12.53 -6.73
N GLN B 377 -12.52 11.58 -7.60
CA GLN B 377 -11.60 11.81 -8.72
C GLN B 377 -10.29 12.44 -8.27
N SER B 378 -9.91 12.21 -7.01
CA SER B 378 -8.74 12.90 -6.46
C SER B 378 -7.47 12.54 -7.21
N PHE B 379 -7.35 11.28 -7.64
CA PHE B 379 -6.19 10.87 -8.42
C PHE B 379 -6.31 11.27 -9.88
N GLN B 380 -7.54 11.42 -10.38
CA GLN B 380 -7.73 11.92 -11.73
C GLN B 380 -7.37 13.40 -11.81
N LYS B 381 -7.85 14.18 -10.84
CA LYS B 381 -7.51 15.60 -10.82
C LYS B 381 -6.01 15.81 -10.69
N GLU B 382 -5.33 14.95 -9.94
CA GLU B 382 -3.86 15.00 -9.85
C GLU B 382 -3.24 14.82 -11.22
N LEU B 383 -3.71 13.82 -11.98
CA LEU B 383 -3.21 13.61 -13.33
C LEU B 383 -3.48 14.83 -14.21
N GLU B 384 -4.62 15.46 -14.03
CA GLU B 384 -4.98 16.63 -14.82
C GLU B 384 -3.99 17.77 -14.61
N THR B 385 -3.70 18.10 -13.35
CA THR B 385 -2.71 19.15 -13.07
C THR B 385 -1.30 18.75 -13.49
N LEU B 386 -1.00 17.45 -13.57
CA LEU B 386 0.31 17.04 -14.09
C LEU B 386 0.38 17.29 -15.59
N LEU B 387 -0.69 16.99 -16.31
CA LEU B 387 -0.70 17.18 -17.76
C LEU B 387 -0.70 18.66 -18.11
N ASP B 388 -1.39 19.49 -17.31
CA ASP B 388 -1.31 20.93 -17.47
C ASP B 388 0.14 21.41 -17.36
N ALA B 389 0.86 20.91 -16.35
CA ALA B 389 2.29 21.23 -16.23
C ALA B 389 3.06 20.75 -17.44
N LYS B 390 2.61 19.65 -18.07
CA LYS B 390 3.26 19.18 -19.28
C LYS B 390 2.99 20.12 -20.45
N GLN B 391 1.85 20.82 -20.43
CA GLN B 391 1.53 21.75 -21.50
C GLN B 391 2.45 22.97 -21.46
N ASN B 392 2.54 23.63 -20.31
CA ASN B 392 3.43 24.78 -20.18
C ASN B 392 4.89 24.38 -20.42
N ASP B 393 5.27 23.17 -20.02
CA ASP B 393 6.64 22.73 -20.20
C ASP B 393 6.99 22.57 -21.68
N ILE B 394 6.04 22.13 -22.49
CA ILE B 394 6.33 21.98 -23.92
C ILE B 394 6.11 23.30 -24.67
N CYS B 395 5.24 24.17 -24.16
CA CYS B 395 5.00 25.46 -24.80
C CYS B 395 6.18 26.40 -24.62
N LYS B 396 6.89 26.30 -23.50
CA LYS B 396 8.03 27.18 -23.26
C LYS B 396 9.31 26.62 -23.87
N ARG B 397 9.44 25.29 -23.97
CA ARG B 397 10.58 24.72 -24.66
C ARG B 397 10.43 24.87 -26.17
N ASN B 398 9.20 24.95 -26.65
CA ASN B 398 8.95 25.27 -28.06
C ASN B 398 9.43 26.67 -28.42
N LEU B 399 9.15 27.66 -27.55
CA LEU B 399 9.56 29.03 -27.82
C LEU B 399 11.07 29.14 -28.02
N GLU B 400 11.85 28.65 -27.05
CA GLU B 400 13.30 28.76 -27.12
C GLU B 400 13.91 27.78 -28.11
N ALA B 401 13.16 26.81 -28.60
CA ALA B 401 13.63 26.01 -29.73
C ALA B 401 13.49 26.77 -31.04
N SER B 402 12.53 27.68 -31.12
CA SER B 402 12.40 28.54 -32.29
C SER B 402 13.45 29.64 -32.27
N SER B 403 13.59 30.31 -31.12
CA SER B 403 14.60 31.35 -30.96
C SER B 403 16.00 30.82 -31.27
N ASP B 404 16.40 29.72 -30.63
CA ASP B 404 17.76 29.22 -30.77
C ASP B 404 18.06 28.78 -32.21
N TYR B 405 17.06 28.29 -32.93
CA TYR B 405 17.28 27.94 -34.33
C TYR B 405 17.33 29.19 -35.21
N CYS B 406 16.36 30.11 -34.99
CA CYS B 406 16.32 31.33 -35.78
C CYS B 406 17.57 32.18 -35.57
N SER B 407 18.01 32.30 -34.32
CA SER B 407 19.25 33.02 -34.03
C SER B 407 20.45 32.39 -34.73
N ALA B 408 20.45 31.06 -34.88
CA ALA B 408 21.54 30.41 -35.61
C ALA B 408 21.53 30.79 -37.09
N LEU B 409 20.35 31.00 -37.67
CA LEU B 409 20.29 31.43 -39.06
C LEU B 409 20.71 32.88 -39.23
N LEU B 410 20.43 33.73 -38.24
CA LEU B 410 20.86 35.12 -38.31
C LEU B 410 22.38 35.25 -38.35
N LYS B 411 23.08 34.28 -37.77
CA LYS B 411 24.54 34.30 -37.76
C LYS B 411 25.15 33.55 -38.93
N ASP B 412 24.33 32.84 -39.72
CA ASP B 412 24.80 32.16 -40.91
C ASP B 412 24.41 32.88 -42.20
N ILE B 413 23.33 33.67 -42.18
CA ILE B 413 22.95 34.46 -43.33
C ILE B 413 23.51 35.88 -43.26
N PHE B 414 23.45 36.49 -42.08
CA PHE B 414 23.88 37.88 -41.90
C PHE B 414 25.32 37.98 -41.39
N GLY B 415 25.92 36.88 -40.98
CA GLY B 415 27.30 36.85 -40.57
C GLY B 415 28.27 37.38 -41.61
N PRO B 416 28.19 36.87 -42.86
CA PRO B 416 29.07 37.41 -43.91
C PRO B 416 28.89 38.90 -44.16
N LEU B 417 27.66 39.41 -44.11
CA LEU B 417 27.45 40.84 -44.31
C LEU B 417 28.06 41.65 -43.17
N GLU B 418 27.99 41.14 -41.94
CA GLU B 418 28.60 41.84 -40.81
C GLU B 418 30.11 41.96 -40.99
N GLU B 419 30.76 40.90 -41.46
CA GLU B 419 32.18 40.98 -41.75
C GLU B 419 32.46 41.92 -42.92
N ALA B 420 31.64 41.85 -43.98
CA ALA B 420 31.83 42.73 -45.13
C ALA B 420 31.74 44.19 -44.73
N VAL B 421 30.71 44.55 -43.97
CA VAL B 421 30.52 45.94 -43.55
C VAL B 421 31.68 46.38 -42.66
N LYS B 422 32.19 45.48 -41.82
CA LYS B 422 33.31 45.82 -40.95
C LYS B 422 34.57 46.12 -41.76
N GLN B 423 34.74 45.46 -42.91
CA GLN B 423 35.89 45.74 -43.76
C GLN B 423 35.77 47.13 -44.39
N GLY B 424 34.63 47.44 -45.00
CA GLY B 424 34.46 48.71 -45.66
C GLY B 424 33.86 48.60 -47.04
N ILE B 425 33.37 47.41 -47.40
CA ILE B 425 32.83 47.18 -48.73
C ILE B 425 31.73 48.18 -49.08
N TYR B 426 31.00 48.67 -48.06
CA TYR B 426 29.90 49.61 -48.28
C TYR B 426 30.26 51.03 -47.89
N SER B 427 31.55 51.37 -47.88
CA SER B 427 31.98 52.75 -47.71
C SER B 427 32.07 53.48 -49.04
N LYS B 428 31.71 52.82 -50.14
CA LYS B 428 31.78 53.37 -51.47
C LYS B 428 30.77 54.50 -51.64
N PRO B 429 30.84 55.27 -52.75
CA PRO B 429 29.79 56.25 -53.00
C PRO B 429 28.65 55.68 -53.86
N ASN B 433 23.57 53.43 -50.40
CA ASN B 433 22.39 52.77 -49.86
C ASN B 433 22.29 51.34 -50.36
N LEU B 434 23.37 50.83 -50.94
CA LEU B 434 23.35 49.48 -51.48
C LEU B 434 23.54 48.42 -50.40
N PHE B 435 23.76 48.85 -49.15
CA PHE B 435 23.70 47.93 -48.02
C PHE B 435 22.26 47.56 -47.70
N ILE B 436 21.37 48.57 -47.70
CA ILE B 436 19.95 48.32 -47.42
C ILE B 436 19.34 47.38 -48.46
N GLN B 437 19.74 47.55 -49.72
CA GLN B 437 19.17 46.74 -50.79
C GLN B 437 19.45 45.25 -50.58
N LYS B 438 20.67 44.91 -50.16
CA LYS B 438 21.04 43.51 -49.99
C LYS B 438 20.51 42.93 -48.67
N THR B 439 20.35 43.75 -47.64
CA THR B 439 19.71 43.28 -46.42
C THR B 439 18.29 42.79 -46.69
N GLU B 440 17.54 43.51 -47.54
CA GLU B 440 16.17 43.12 -47.84
C GLU B 440 16.14 41.77 -48.58
N GLU B 441 17.07 41.54 -49.50
CA GLU B 441 17.10 40.26 -50.19
C GLU B 441 17.54 39.13 -49.28
N LEU B 442 18.40 39.42 -48.31
CA LEU B 442 18.80 38.40 -47.33
C LEU B 442 17.72 38.19 -46.27
N LYS B 443 16.88 39.20 -46.03
CA LYS B 443 15.72 39.01 -45.16
C LYS B 443 14.74 38.03 -45.78
N ALA B 444 14.49 38.15 -47.09
CA ALA B 444 13.65 37.18 -47.77
C ALA B 444 14.30 35.81 -47.84
N LYS B 445 15.63 35.78 -47.98
CA LYS B 445 16.38 34.53 -47.85
C LYS B 445 16.08 33.87 -46.51
N TYR B 446 16.16 34.65 -45.43
CA TYR B 446 15.83 34.13 -44.10
C TYR B 446 14.37 33.71 -44.00
N TYR B 447 13.47 34.50 -44.58
CA TYR B 447 12.04 34.18 -44.52
C TYR B 447 11.71 32.89 -45.27
N ARG B 448 12.51 32.53 -46.29
CA ARG B 448 12.22 31.35 -47.07
C ARG B 448 12.70 30.06 -46.42
N GLU B 449 13.53 30.13 -45.39
CA GLU B 449 14.05 28.93 -44.74
C GLU B 449 12.94 28.14 -44.05
N PRO B 450 12.63 26.93 -44.50
CA PRO B 450 11.54 26.17 -43.87
C PRO B 450 11.91 25.73 -42.46
N ARG B 451 10.88 25.38 -41.70
CA ARG B 451 11.02 24.91 -40.33
C ARG B 451 11.68 25.99 -39.47
N LYS B 452 10.95 27.09 -39.29
CA LYS B 452 11.28 28.13 -38.33
C LYS B 452 10.03 28.32 -37.48
N GLY B 453 10.22 28.45 -36.19
CA GLY B 453 9.09 28.44 -35.28
C GLY B 453 8.32 29.74 -35.30
N ILE B 454 7.49 29.91 -34.29
CA ILE B 454 6.65 31.09 -34.18
C ILE B 454 7.45 32.33 -33.76
N GLN B 455 8.65 32.14 -33.21
CA GLN B 455 9.50 33.25 -32.78
C GLN B 455 10.22 33.93 -33.94
N ALA B 456 10.12 33.40 -35.15
CA ALA B 456 10.84 33.91 -36.32
C ALA B 456 10.79 35.44 -36.45
N GLU B 457 9.58 36.01 -36.49
CA GLU B 457 9.46 37.46 -36.67
C GLU B 457 10.11 38.23 -35.54
N GLU B 458 10.03 37.71 -34.30
CA GLU B 458 10.57 38.46 -33.17
C GLU B 458 12.09 38.52 -33.23
N VAL B 459 12.73 37.37 -33.48
CA VAL B 459 14.19 37.32 -33.54
C VAL B 459 14.71 38.22 -34.66
N LEU B 460 14.02 38.22 -35.80
CA LEU B 460 14.48 39.03 -36.93
C LEU B 460 14.35 40.52 -36.62
N GLN B 461 13.20 40.93 -36.07
CA GLN B 461 12.98 42.35 -35.78
C GLN B 461 13.91 42.84 -34.69
N LYS B 462 14.17 42.02 -33.67
CA LYS B 462 15.14 42.40 -32.65
C LYS B 462 16.54 42.58 -33.22
N TYR B 463 16.89 41.78 -34.23
CA TYR B 463 18.19 41.94 -34.87
C TYR B 463 18.22 43.20 -35.74
N LEU B 464 17.15 43.45 -36.48
CA LEU B 464 17.11 44.63 -37.34
C LEU B 464 17.17 45.92 -36.53
N LYS B 465 16.64 45.90 -35.31
CA LYS B 465 16.76 47.06 -34.43
C LYS B 465 18.14 47.13 -33.78
N SER B 466 18.76 45.98 -33.53
CA SER B 466 20.17 45.98 -33.13
C SER B 466 21.05 46.63 -34.19
N LYS B 467 20.78 46.35 -35.46
CA LYS B 467 21.60 46.85 -36.56
C LYS B 467 21.00 48.07 -37.24
N GLU B 468 20.01 48.72 -36.62
CA GLU B 468 19.46 49.94 -37.22
C GLU B 468 20.34 51.15 -36.95
N SER B 469 21.29 51.05 -36.02
CA SER B 469 22.22 52.14 -35.76
C SER B 469 23.46 52.05 -36.62
N VAL B 470 23.78 50.85 -37.12
CA VAL B 470 24.88 50.72 -38.07
C VAL B 470 24.46 51.22 -39.43
N SER B 471 23.20 50.97 -39.80
CA SER B 471 22.69 51.42 -41.09
C SER B 471 22.78 52.93 -41.23
N HIS B 472 22.45 53.66 -40.16
CA HIS B 472 22.49 55.12 -40.21
C HIS B 472 23.92 55.60 -40.41
N ALA B 473 24.87 55.00 -39.70
CA ALA B 473 26.26 55.41 -39.78
C ALA B 473 26.84 55.13 -41.18
N ILE B 474 26.44 54.01 -41.78
CA ILE B 474 26.93 53.69 -43.12
C ILE B 474 26.40 54.70 -44.14
N LEU B 475 25.12 55.07 -44.01
CA LEU B 475 24.55 56.10 -44.88
C LEU B 475 25.26 57.45 -44.68
N GLN B 476 25.51 57.83 -43.42
CA GLN B 476 26.25 59.06 -43.16
C GLN B 476 27.60 59.05 -43.84
N THR B 477 28.35 57.95 -43.71
CA THR B 477 29.67 57.87 -44.33
C THR B 477 29.57 57.96 -45.86
N ASP B 478 28.52 57.37 -46.43
CA ASP B 478 28.34 57.44 -47.89
C ASP B 478 28.13 58.88 -48.34
N GLN B 479 27.34 59.65 -47.60
CA GLN B 479 27.13 61.06 -47.93
C GLN B 479 28.43 61.85 -47.84
N ALA B 480 29.20 61.65 -46.76
CA ALA B 480 30.45 62.38 -46.59
C ALA B 480 31.42 62.13 -47.75
N LEU B 481 31.53 60.88 -48.19
CA LEU B 481 32.46 60.56 -49.28
C LEU B 481 31.96 61.07 -50.63
N THR B 482 30.64 61.15 -50.82
CA THR B 482 30.12 61.68 -52.09
C THR B 482 30.62 63.08 -52.36
N GLU B 483 30.72 63.92 -51.32
CA GLU B 483 31.17 65.29 -51.50
C GLU B 483 32.63 65.36 -51.95
N THR B 484 33.50 64.60 -51.29
CA THR B 484 34.94 64.60 -51.52
C THR B 484 35.33 64.73 -52.99
N GLU B 485 34.60 64.05 -53.86
CA GLU B 485 34.86 64.12 -55.30
C GLU B 485 33.59 64.45 -56.07
#